data_9BA5
#
_entry.id   9BA5
#
_cell.length_a   1.00
_cell.length_b   1.00
_cell.length_c   1.00
_cell.angle_alpha   90.00
_cell.angle_beta   90.00
_cell.angle_gamma   90.00
#
_symmetry.space_group_name_H-M   'P 1'
#
loop_
_entity.id
_entity.type
_entity.pdbx_description
1 polymer Contactin-2
2 non-polymer 2-acetamido-2-deoxy-beta-D-glucopyranose
#
_entity_poly.entity_id   1
_entity_poly.type   'polypeptide(L)'
_entity_poly.pdbx_seq_one_letter_code
;ELGTGLESQTTFGPVFEDQPLSVLFPEESTEEQVLLACRARASPPATYRWKMNGTEMKLEPGSRHQLVGGNLVIMNPTKA
QDAGVYQCLASNPVGTVVSREAILRFGFLQEFSKEERDPVKAHEGWGVMLPCNPPAHYPGLSYRWLLNEFPNFIPTDGRH
FVSQTTGNLYIARTNASDLGNYSCLATSHMDFSTKSVFSKFAQLNLAAEDTRLFAPSIKARFPAETYALVGQQVTLECFA
FGNPVPRIKWRKVDGSLSPQWTTAEPTLQIPSVSFEDEGTYECEAENSKGRDTVQGRIIVQAQPEWLKVISDTEADIGSN
LRWGCAAAGKPRPTVRWLRNGEPLASQNRVEVLAGDLRFSKLSLEDSGMYQCVAENKHGTIYASAELAVQALAPDFRLNP
VRRLIPAARGGEILIPCQPRAAPKAVVLWSKGTEILVNSSRVTVTPDGTLIIRNISRSDEGKYTCFAENFMGKANSTGIL
SVRDATKITLAPSSADINLGDNLTLQCHASHDPTMDLTFTWTLDDFPIDFDKPGGHYRRTNVKETIGDLTILNAQLRHGG
KYTCMAQTVVDSASKEATVLVRGSASTSHHHHHH
;
_entity_poly.pdbx_strand_id   A,B
#
loop_
_chem_comp.id
_chem_comp.type
_chem_comp.name
_chem_comp.formula
NAG D-saccharide, beta linking 2-acetamido-2-deoxy-beta-D-glucopyranose 'C8 H15 N O6'
#
# COMPACT_ATOMS: atom_id res chain seq x y z
N THR A 11 -3.96 12.51 -20.87
CA THR A 11 -3.76 11.88 -22.17
C THR A 11 -3.26 10.44 -22.02
N PHE A 12 -3.77 9.55 -22.86
CA PHE A 12 -3.39 8.15 -22.82
C PHE A 12 -3.21 7.66 -24.25
N GLY A 13 -2.38 6.63 -24.40
CA GLY A 13 -1.95 6.17 -25.70
C GLY A 13 -2.97 5.34 -26.46
N PRO A 14 -2.68 4.97 -27.71
CA PRO A 14 -3.66 4.24 -28.50
C PRO A 14 -3.67 2.75 -28.18
N VAL A 15 -4.83 2.25 -27.75
CA VAL A 15 -5.06 0.82 -27.53
C VAL A 15 -6.07 0.37 -28.56
N PHE A 16 -5.77 -0.73 -29.28
CA PHE A 16 -6.57 -1.16 -30.41
C PHE A 16 -7.88 -1.82 -29.99
N GLU A 17 -8.94 -1.56 -30.76
CA GLU A 17 -10.19 -2.31 -30.66
C GLU A 17 -10.57 -2.99 -31.97
N ASP A 18 -9.96 -2.60 -33.09
CA ASP A 18 -10.13 -3.25 -34.37
C ASP A 18 -8.76 -3.48 -35.00
N GLN A 19 -8.36 -4.73 -35.10
CA GLN A 19 -7.12 -5.14 -35.73
C GLN A 19 -7.39 -5.62 -37.15
N PRO A 20 -6.43 -5.48 -38.08
CA PRO A 20 -6.67 -5.96 -39.45
C PRO A 20 -6.56 -7.48 -39.59
N LEU A 21 -7.49 -8.03 -40.37
CA LEU A 21 -7.59 -9.46 -40.60
C LEU A 21 -7.01 -9.76 -41.99
N SER A 22 -6.47 -10.97 -42.15
CA SER A 22 -5.92 -11.38 -43.44
C SER A 22 -7.02 -11.71 -44.42
N VAL A 23 -6.97 -11.09 -45.59
CA VAL A 23 -8.08 -11.10 -46.54
C VAL A 23 -7.67 -11.92 -47.76
N LEU A 24 -8.42 -13.00 -48.01
CA LEU A 24 -8.32 -13.74 -49.26
C LEU A 24 -9.28 -13.07 -50.24
N PHE A 25 -8.72 -12.41 -51.26
CA PHE A 25 -9.54 -11.73 -52.25
C PHE A 25 -9.76 -12.67 -53.43
N PRO A 26 -11.02 -12.98 -53.81
CA PRO A 26 -11.24 -13.88 -54.93
C PRO A 26 -11.08 -13.18 -56.27
N GLU A 27 -10.82 -13.98 -57.31
CA GLU A 27 -10.81 -13.45 -58.67
C GLU A 27 -12.23 -13.19 -59.16
N GLU A 28 -13.17 -14.03 -58.76
CA GLU A 28 -14.59 -13.82 -59.05
C GLU A 28 -15.25 -13.04 -57.91
N SER A 29 -14.89 -11.77 -57.82
CA SER A 29 -15.37 -10.93 -56.72
C SER A 29 -16.60 -10.14 -57.13
N THR A 30 -17.33 -9.66 -56.11
CA THR A 30 -18.53 -8.87 -56.35
C THR A 30 -18.27 -7.37 -56.27
N GLU A 31 -17.29 -6.94 -55.47
CA GLU A 31 -16.93 -5.55 -55.37
C GLU A 31 -15.45 -5.39 -55.70
N GLU A 32 -15.06 -4.16 -56.02
CA GLU A 32 -13.70 -3.88 -56.43
C GLU A 32 -12.88 -3.19 -55.35
N GLN A 33 -13.22 -3.35 -54.07
CA GLN A 33 -12.50 -2.66 -53.02
C GLN A 33 -12.15 -3.62 -51.88
N VAL A 34 -11.00 -3.35 -51.27
CA VAL A 34 -10.50 -4.10 -50.12
C VAL A 34 -10.43 -3.15 -48.93
N LEU A 35 -11.18 -3.46 -47.88
CA LEU A 35 -11.20 -2.67 -46.66
C LEU A 35 -10.41 -3.41 -45.59
N LEU A 36 -9.35 -2.78 -45.10
CA LEU A 36 -8.54 -3.32 -44.01
C LEU A 36 -8.73 -2.40 -42.81
N ALA A 37 -9.16 -2.98 -41.69
CA ALA A 37 -9.69 -2.20 -40.58
C ALA A 37 -8.64 -1.90 -39.54
N CYS A 38 -8.70 -0.69 -38.99
CA CYS A 38 -7.79 -0.26 -37.94
C CYS A 38 -8.49 0.81 -37.11
N ARG A 39 -8.63 0.58 -35.81
CA ARG A 39 -9.25 1.56 -34.93
C ARG A 39 -8.64 1.42 -33.54
N ALA A 40 -8.18 2.55 -32.98
CA ALA A 40 -7.53 2.55 -31.68
C ALA A 40 -8.04 3.71 -30.83
N ARG A 41 -8.38 3.40 -29.59
CA ARG A 41 -8.82 4.42 -28.64
C ARG A 41 -7.61 5.19 -28.11
N ALA A 42 -7.68 6.51 -28.22
CA ALA A 42 -6.71 7.44 -27.67
C ALA A 42 -7.40 8.78 -27.45
N SER A 43 -6.78 9.61 -26.59
CA SER A 43 -7.29 10.94 -26.28
C SER A 43 -6.13 11.93 -26.36
N PRO A 44 -5.93 12.69 -27.49
CA PRO A 44 -6.67 12.95 -28.75
C PRO A 44 -6.72 11.77 -29.74
N PRO A 45 -7.68 11.72 -30.69
CA PRO A 45 -7.72 10.59 -31.65
C PRO A 45 -6.51 10.51 -32.58
N ALA A 46 -6.08 9.28 -32.83
CA ALA A 46 -4.76 9.01 -33.35
C ALA A 46 -4.70 9.16 -34.86
N THR A 47 -3.51 9.49 -35.35
CA THR A 47 -3.21 9.52 -36.77
C THR A 47 -2.80 8.13 -37.20
N TYR A 48 -3.32 7.66 -38.33
CA TYR A 48 -3.08 6.30 -38.79
C TYR A 48 -2.18 6.31 -40.01
N ARG A 49 -1.10 5.54 -39.93
CA ARG A 49 -0.21 5.32 -41.05
C ARG A 49 -0.06 3.83 -41.29
N TRP A 50 -0.01 3.42 -42.55
CA TRP A 50 0.03 2.01 -42.89
C TRP A 50 1.40 1.68 -43.41
N LYS A 51 1.89 0.49 -43.12
CA LYS A 51 3.03 -0.06 -43.82
C LYS A 51 2.62 -1.12 -44.82
N MET A 52 3.16 -0.96 -46.03
CA MET A 52 3.22 -1.95 -47.10
C MET A 52 4.65 -2.46 -47.21
N ASN A 53 4.84 -3.75 -46.85
CA ASN A 53 6.09 -4.52 -46.87
C ASN A 53 7.22 -3.88 -46.05
N GLY A 54 6.88 -3.26 -44.93
CA GLY A 54 7.86 -2.61 -44.09
C GLY A 54 8.08 -1.14 -44.33
N THR A 55 7.90 -0.65 -45.56
CA THR A 55 8.12 0.78 -45.82
C THR A 55 6.79 1.53 -45.72
N GLU A 56 6.92 2.85 -45.60
CA GLU A 56 5.78 3.74 -45.35
C GLU A 56 5.13 4.12 -46.67
N MET A 57 3.87 3.72 -46.82
CA MET A 57 3.16 3.92 -48.07
C MET A 57 2.42 5.26 -48.07
N LYS A 58 2.36 5.91 -49.23
CA LYS A 58 1.90 7.30 -49.34
C LYS A 58 0.44 7.37 -49.73
N LEU A 59 -0.26 8.32 -49.11
CA LEU A 59 -1.71 8.42 -49.09
C LEU A 59 -2.18 9.79 -49.56
N GLU A 60 -1.73 10.21 -50.74
CA GLU A 60 -2.16 11.46 -51.34
C GLU A 60 -3.60 11.36 -51.83
N PRO A 61 -4.35 12.48 -51.87
CA PRO A 61 -5.67 12.47 -52.53
C PRO A 61 -5.54 12.37 -54.04
N GLY A 62 -6.49 11.65 -54.65
CA GLY A 62 -6.39 11.30 -56.05
C GLY A 62 -5.73 9.98 -56.32
N SER A 63 -5.16 9.33 -55.31
CA SER A 63 -4.54 8.03 -55.47
C SER A 63 -5.53 6.92 -55.15
N ARG A 64 -5.09 5.68 -55.35
CA ARG A 64 -5.95 4.51 -55.18
C ARG A 64 -5.93 3.92 -53.77
N HIS A 65 -5.26 4.58 -52.83
CA HIS A 65 -5.21 4.16 -51.44
C HIS A 65 -5.87 5.24 -50.58
N GLN A 66 -7.05 4.94 -50.04
CA GLN A 66 -7.84 5.94 -49.34
C GLN A 66 -7.97 5.58 -47.86
N LEU A 67 -7.64 6.54 -47.00
CA LEU A 67 -7.93 6.38 -45.57
C LEU A 67 -9.30 6.96 -45.28
N VAL A 68 -10.26 6.09 -45.00
CA VAL A 68 -11.52 6.57 -44.43
C VAL A 68 -11.49 6.44 -42.90
N GLY A 69 -10.97 7.49 -42.27
CA GLY A 69 -10.80 7.54 -40.83
C GLY A 69 -9.61 6.76 -40.34
N GLY A 70 -9.77 5.44 -40.24
CA GLY A 70 -8.68 4.54 -39.92
C GLY A 70 -8.66 3.35 -40.85
N ASN A 71 -9.74 3.19 -41.61
CA ASN A 71 -9.87 2.08 -42.53
C ASN A 71 -9.06 2.39 -43.80
N LEU A 72 -8.38 1.37 -44.32
CA LEU A 72 -7.74 1.52 -45.62
C LEU A 72 -8.61 0.86 -46.68
N VAL A 73 -9.00 1.67 -47.67
CA VAL A 73 -9.76 1.20 -48.82
C VAL A 73 -8.83 1.21 -50.03
N ILE A 74 -8.66 0.04 -50.63
CA ILE A 74 -7.92 -0.13 -51.86
C ILE A 74 -8.93 -0.40 -52.96
N MET A 75 -9.00 0.45 -53.98
CA MET A 75 -9.76 0.12 -55.17
C MET A 75 -8.85 -0.14 -56.36
N ASN A 76 -9.42 -0.87 -57.33
CA ASN A 76 -8.70 -1.70 -58.29
C ASN A 76 -7.54 -2.54 -57.76
N PRO A 77 -7.81 -3.67 -57.09
CA PRO A 77 -6.70 -4.55 -56.67
C PRO A 77 -6.29 -5.55 -57.74
N THR A 78 -4.99 -5.80 -57.85
CA THR A 78 -4.46 -6.84 -58.70
C THR A 78 -3.46 -7.68 -57.89
N LYS A 79 -3.18 -8.88 -58.42
CA LYS A 79 -2.20 -9.79 -57.83
C LYS A 79 -0.77 -9.28 -58.01
N ALA A 80 -0.50 -8.56 -59.09
CA ALA A 80 0.85 -8.06 -59.37
C ALA A 80 1.18 -6.77 -58.63
N GLN A 81 0.22 -6.14 -57.96
CA GLN A 81 0.50 -4.90 -57.25
C GLN A 81 0.32 -5.00 -55.75
N ASP A 82 -0.82 -5.50 -55.27
CA ASP A 82 -1.25 -5.26 -53.90
C ASP A 82 -1.24 -6.49 -53.00
N ALA A 83 -0.62 -7.59 -53.41
CA ALA A 83 -0.58 -8.79 -52.59
C ALA A 83 0.53 -8.71 -51.55
N GLY A 84 0.17 -8.81 -50.27
CA GLY A 84 1.22 -8.93 -49.27
C GLY A 84 0.85 -8.32 -47.93
N VAL A 85 1.82 -7.61 -47.36
CA VAL A 85 1.91 -7.29 -45.95
C VAL A 85 1.26 -5.93 -45.74
N TYR A 86 0.28 -5.85 -44.84
CA TYR A 86 -0.38 -4.61 -44.48
C TYR A 86 -0.36 -4.50 -42.97
N GLN A 87 0.10 -3.36 -42.47
CA GLN A 87 0.36 -3.23 -41.03
C GLN A 87 -0.02 -1.85 -40.57
N CYS A 88 -0.94 -1.74 -39.61
CA CYS A 88 -1.46 -0.44 -39.25
C CYS A 88 -0.69 0.17 -38.09
N LEU A 89 -0.64 1.50 -38.04
CA LEU A 89 0.05 2.24 -37.00
C LEU A 89 -0.85 3.35 -36.51
N ALA A 90 -1.06 3.41 -35.20
CA ALA A 90 -1.83 4.48 -34.58
C ALA A 90 -0.88 5.33 -33.76
N SER A 91 -0.85 6.62 -34.04
CA SER A 91 0.15 7.53 -33.48
C SER A 91 -0.53 8.68 -32.76
N ASN A 92 -0.09 8.93 -31.54
CA ASN A 92 -0.58 9.96 -30.64
C ASN A 92 0.66 10.79 -30.36
N PRO A 93 0.61 11.88 -29.58
CA PRO A 93 1.87 12.36 -28.95
C PRO A 93 2.34 11.55 -27.75
N VAL A 94 1.53 10.65 -27.20
CA VAL A 94 2.00 9.70 -26.19
C VAL A 94 2.89 8.64 -26.82
N GLY A 95 2.41 7.98 -27.86
CA GLY A 95 3.22 6.97 -28.51
C GLY A 95 2.55 6.44 -29.76
N THR A 96 3.21 5.46 -30.37
CA THR A 96 2.84 4.90 -31.66
C THR A 96 2.73 3.38 -31.49
N VAL A 97 1.60 2.81 -31.85
CA VAL A 97 1.43 1.36 -31.78
C VAL A 97 1.31 0.77 -33.18
N VAL A 98 1.78 -0.46 -33.29
CA VAL A 98 1.82 -1.25 -34.51
C VAL A 98 0.80 -2.38 -34.37
N SER A 99 -0.08 -2.51 -35.35
CA SER A 99 -1.13 -3.51 -35.31
C SER A 99 -0.62 -4.88 -35.75
N ARG A 100 -1.57 -5.79 -35.85
CA ARG A 100 -1.30 -7.17 -36.20
C ARG A 100 -1.09 -7.27 -37.71
N GLU A 101 -0.40 -8.33 -38.13
CA GLU A 101 -0.05 -8.57 -39.52
C GLU A 101 -1.27 -8.95 -40.36
N ALA A 102 -1.50 -8.18 -41.42
CA ALA A 102 -2.55 -8.48 -42.38
C ALA A 102 -1.92 -8.96 -43.67
N ILE A 103 -2.37 -10.12 -44.16
CA ILE A 103 -1.93 -10.63 -45.45
C ILE A 103 -3.10 -10.50 -46.42
N LEU A 104 -2.94 -9.66 -47.43
CA LEU A 104 -3.90 -9.60 -48.53
C LEU A 104 -3.40 -10.54 -49.62
N ARG A 105 -4.07 -11.67 -49.77
CA ARG A 105 -3.61 -12.75 -50.64
C ARG A 105 -4.72 -13.06 -51.65
N PHE A 106 -4.33 -13.31 -52.89
CA PHE A 106 -5.26 -13.35 -54.01
C PHE A 106 -5.51 -14.79 -54.42
N GLY A 107 -6.78 -15.18 -54.44
CA GLY A 107 -7.15 -16.52 -54.86
C GLY A 107 -7.15 -16.63 -56.37
N PHE A 108 -6.43 -17.62 -56.88
CA PHE A 108 -6.28 -17.78 -58.32
C PHE A 108 -6.37 -19.26 -58.66
N LEU A 109 -6.76 -19.53 -59.90
CA LEU A 109 -6.89 -20.91 -60.38
C LEU A 109 -6.55 -20.90 -61.87
N GLN A 110 -5.37 -21.40 -62.21
CA GLN A 110 -4.92 -21.44 -63.59
C GLN A 110 -5.60 -22.58 -64.34
N GLU A 111 -5.61 -22.47 -65.67
CA GLU A 111 -6.17 -23.51 -66.50
C GLU A 111 -5.17 -24.64 -66.70
N PHE A 112 -5.66 -25.76 -67.23
CA PHE A 112 -4.80 -26.92 -67.48
C PHE A 112 -4.03 -26.75 -68.78
N SER A 113 -3.14 -27.71 -69.03
CA SER A 113 -2.39 -27.74 -70.28
C SER A 113 -3.28 -28.26 -71.41
N LYS A 114 -3.30 -27.51 -72.52
CA LYS A 114 -4.17 -27.82 -73.64
C LYS A 114 -3.49 -28.66 -74.72
N GLU A 115 -2.28 -29.15 -74.46
CA GLU A 115 -1.60 -30.01 -75.42
C GLU A 115 -2.04 -31.46 -75.24
N GLU A 116 -1.49 -32.32 -76.10
CA GLU A 116 -1.87 -33.73 -76.11
C GLU A 116 -1.16 -34.51 -75.01
N ARG A 117 -1.92 -35.31 -74.28
CA ARG A 117 -1.40 -36.16 -73.23
C ARG A 117 -1.51 -37.62 -73.67
N ASP A 118 -0.51 -38.43 -73.28
CA ASP A 118 -0.38 -39.80 -73.75
C ASP A 118 -1.38 -40.72 -73.03
N PRO A 119 -1.93 -41.73 -73.72
CA PRO A 119 -2.77 -42.72 -73.03
C PRO A 119 -1.93 -43.70 -72.23
N VAL A 120 -2.58 -44.37 -71.29
CA VAL A 120 -1.94 -45.32 -70.39
C VAL A 120 -2.50 -46.71 -70.68
N LYS A 121 -1.61 -47.66 -70.99
CA LYS A 121 -1.96 -49.05 -71.22
C LYS A 121 -1.74 -49.86 -69.94
N ALA A 122 -2.65 -50.79 -69.68
CA ALA A 122 -2.57 -51.65 -68.50
C ALA A 122 -3.25 -52.97 -68.80
N HIS A 123 -3.41 -53.79 -67.76
CA HIS A 123 -4.05 -55.09 -67.87
C HIS A 123 -5.35 -55.10 -67.06
N GLU A 124 -6.28 -55.96 -67.47
CA GLU A 124 -7.53 -56.13 -66.74
C GLU A 124 -7.29 -56.97 -65.48
N GLY A 125 -7.73 -56.44 -64.34
CA GLY A 125 -7.50 -57.08 -63.06
C GLY A 125 -6.38 -56.47 -62.24
N TRP A 126 -5.50 -55.69 -62.85
CA TRP A 126 -4.46 -54.96 -62.14
C TRP A 126 -4.87 -53.51 -61.94
N GLY A 127 -4.27 -52.88 -60.93
CA GLY A 127 -4.51 -51.48 -60.69
C GLY A 127 -3.74 -50.60 -61.64
N VAL A 128 -4.20 -49.35 -61.76
CA VAL A 128 -3.59 -48.39 -62.67
C VAL A 128 -3.47 -47.06 -61.92
N MET A 129 -2.45 -46.30 -62.27
CA MET A 129 -2.30 -44.92 -61.83
C MET A 129 -2.64 -44.00 -63.00
N LEU A 130 -3.18 -42.83 -62.68
CA LEU A 130 -3.40 -41.76 -63.65
C LEU A 130 -3.03 -40.47 -62.93
N PRO A 131 -1.87 -39.88 -63.23
CA PRO A 131 -1.53 -38.59 -62.61
C PRO A 131 -2.31 -37.44 -63.21
N CYS A 132 -2.76 -36.54 -62.33
CA CYS A 132 -3.61 -35.44 -62.77
C CYS A 132 -2.80 -34.30 -63.35
N ASN A 133 -1.59 -34.09 -62.79
CA ASN A 133 -0.77 -32.88 -62.89
C ASN A 133 -1.54 -31.56 -62.72
N PRO A 134 -1.88 -31.19 -61.48
CA PRO A 134 -2.72 -29.98 -61.27
C PRO A 134 -1.90 -28.70 -61.40
N PRO A 135 -2.53 -27.57 -61.76
CA PRO A 135 -1.77 -26.32 -61.87
C PRO A 135 -1.58 -25.62 -60.53
N ALA A 136 -1.00 -24.42 -60.61
CA ALA A 136 -0.76 -23.60 -59.43
C ALA A 136 -2.06 -22.97 -58.95
N HIS A 137 -2.20 -22.86 -57.63
CA HIS A 137 -3.50 -22.55 -57.03
C HIS A 137 -3.29 -21.94 -55.66
N TYR A 138 -4.31 -21.19 -55.23
CA TYR A 138 -4.53 -20.80 -53.83
C TYR A 138 -6.02 -20.59 -53.68
N PRO A 139 -6.68 -21.17 -52.67
CA PRO A 139 -6.22 -22.11 -51.63
C PRO A 139 -6.18 -23.56 -52.10
N GLY A 140 -6.23 -24.49 -51.14
CA GLY A 140 -6.18 -25.92 -51.41
C GLY A 140 -7.39 -26.48 -52.13
N LEU A 141 -7.12 -27.16 -53.26
CA LEU A 141 -8.16 -27.64 -54.15
C LEU A 141 -8.80 -28.92 -53.62
N SER A 142 -10.06 -29.12 -53.99
CA SER A 142 -10.73 -30.40 -53.84
C SER A 142 -10.77 -31.08 -55.20
N TYR A 143 -10.30 -32.31 -55.25
CA TYR A 143 -10.05 -32.99 -56.51
C TYR A 143 -11.09 -34.05 -56.78
N ARG A 144 -11.49 -34.15 -58.04
CA ARG A 144 -12.39 -35.19 -58.53
C ARG A 144 -11.83 -35.73 -59.84
N TRP A 145 -12.37 -36.85 -60.29
CA TRP A 145 -12.04 -37.37 -61.61
C TRP A 145 -13.34 -37.75 -62.33
N LEU A 146 -13.21 -38.05 -63.61
CA LEU A 146 -14.34 -38.34 -64.47
C LEU A 146 -14.17 -39.69 -65.15
N LEU A 147 -15.30 -40.28 -65.55
CA LEU A 147 -15.31 -41.43 -66.44
C LEU A 147 -15.75 -41.07 -67.85
N ASN A 148 -16.44 -39.95 -68.01
CA ASN A 148 -16.98 -39.48 -69.29
C ASN A 148 -16.78 -37.97 -69.33
N GLU A 149 -17.56 -37.30 -70.17
CA GLU A 149 -17.51 -35.84 -70.25
C GLU A 149 -18.26 -35.17 -69.09
N PHE A 150 -18.19 -33.84 -69.06
CA PHE A 150 -18.75 -33.05 -67.97
C PHE A 150 -20.27 -32.97 -68.12
N PRO A 151 -21.06 -33.24 -67.05
CA PRO A 151 -20.71 -33.54 -65.65
C PRO A 151 -20.81 -35.00 -65.17
N ASN A 152 -20.37 -35.97 -65.96
CA ASN A 152 -20.37 -37.37 -65.50
C ASN A 152 -19.09 -37.61 -64.71
N PHE A 153 -19.24 -37.73 -63.39
CA PHE A 153 -18.11 -37.92 -62.50
C PHE A 153 -17.74 -39.40 -62.40
N ILE A 154 -16.66 -39.67 -61.66
CA ILE A 154 -16.38 -41.05 -61.27
C ILE A 154 -17.32 -41.42 -60.11
N PRO A 155 -17.77 -42.68 -60.00
CA PRO A 155 -18.41 -43.10 -58.75
C PRO A 155 -17.42 -43.17 -57.60
N THR A 156 -17.91 -42.87 -56.39
CA THR A 156 -17.09 -42.80 -55.19
C THR A 156 -17.06 -44.11 -54.41
N ASP A 157 -16.77 -45.21 -55.10
CA ASP A 157 -16.76 -46.54 -54.48
C ASP A 157 -15.38 -46.86 -53.90
N GLY A 158 -15.16 -48.12 -53.55
CA GLY A 158 -13.91 -48.62 -53.04
C GLY A 158 -12.95 -49.16 -54.07
N ARG A 159 -13.12 -48.81 -55.35
CA ARG A 159 -12.26 -49.32 -56.40
C ARG A 159 -11.45 -48.21 -57.06
N HIS A 160 -12.04 -47.02 -57.17
CA HIS A 160 -11.37 -45.85 -57.73
C HIS A 160 -11.23 -44.79 -56.65
N PHE A 161 -10.03 -44.21 -56.52
CA PHE A 161 -9.76 -43.22 -55.48
C PHE A 161 -9.11 -42.00 -56.08
N VAL A 162 -9.64 -40.82 -55.73
CA VAL A 162 -9.07 -39.53 -56.10
C VAL A 162 -8.36 -38.98 -54.86
N SER A 163 -7.09 -38.62 -55.02
CA SER A 163 -6.29 -38.12 -53.91
C SER A 163 -6.67 -36.69 -53.55
N GLN A 164 -6.64 -36.38 -52.25
CA GLN A 164 -6.90 -35.02 -51.80
C GLN A 164 -5.62 -34.20 -51.68
N THR A 165 -4.46 -34.84 -51.79
CA THR A 165 -3.18 -34.14 -51.65
C THR A 165 -2.55 -33.84 -52.99
N THR A 166 -2.44 -34.83 -53.87
CA THR A 166 -1.85 -34.64 -55.19
C THR A 166 -2.86 -34.66 -56.32
N GLY A 167 -4.09 -35.15 -56.11
CA GLY A 167 -5.10 -35.16 -57.14
C GLY A 167 -5.09 -36.35 -58.06
N ASN A 168 -4.15 -37.28 -57.89
CA ASN A 168 -3.98 -38.37 -58.84
C ASN A 168 -4.99 -39.49 -58.59
N LEU A 169 -5.46 -40.10 -59.68
CA LEU A 169 -6.48 -41.14 -59.62
C LEU A 169 -5.80 -42.51 -59.56
N TYR A 170 -6.18 -43.30 -58.57
CA TYR A 170 -5.62 -44.64 -58.41
C TYR A 170 -6.75 -45.66 -58.44
N ILE A 171 -6.62 -46.65 -59.31
CA ILE A 171 -7.60 -47.72 -59.43
C ILE A 171 -6.94 -49.00 -58.93
N ALA A 172 -7.57 -49.65 -57.93
CA ALA A 172 -7.00 -50.86 -57.35
C ALA A 172 -7.20 -52.07 -58.25
N ARG A 173 -8.29 -52.11 -59.00
CA ARG A 173 -8.57 -53.22 -59.92
C ARG A 173 -9.37 -52.71 -61.10
N THR A 174 -8.84 -52.89 -62.30
CA THR A 174 -9.56 -52.49 -63.51
C THR A 174 -10.38 -53.66 -64.04
N ASN A 175 -11.54 -53.33 -64.62
CA ASN A 175 -12.34 -54.35 -65.30
C ASN A 175 -12.92 -53.75 -66.59
N ALA A 176 -13.93 -54.42 -67.13
CA ALA A 176 -14.44 -54.07 -68.45
C ALA A 176 -15.37 -52.85 -68.44
N SER A 177 -15.83 -52.41 -67.27
CA SER A 177 -16.72 -51.26 -67.21
C SER A 177 -15.96 -49.94 -67.03
N ASP A 178 -14.63 -49.99 -66.93
CA ASP A 178 -13.84 -48.78 -66.67
C ASP A 178 -13.37 -48.07 -67.94
N LEU A 179 -13.78 -48.52 -69.12
CA LEU A 179 -13.35 -47.88 -70.35
C LEU A 179 -14.17 -46.62 -70.60
N GLY A 180 -13.50 -45.48 -70.66
CA GLY A 180 -14.18 -44.22 -70.86
C GLY A 180 -13.20 -43.09 -71.07
N ASN A 181 -13.74 -41.88 -71.12
CA ASN A 181 -12.95 -40.67 -71.33
C ASN A 181 -12.66 -40.03 -69.98
N TYR A 182 -11.45 -40.28 -69.47
CA TYR A 182 -11.05 -39.80 -68.15
C TYR A 182 -10.60 -38.35 -68.20
N SER A 183 -10.92 -37.61 -67.13
CA SER A 183 -10.47 -36.24 -66.98
C SER A 183 -10.37 -35.90 -65.50
N CYS A 184 -9.29 -35.24 -65.12
CA CYS A 184 -9.16 -34.69 -63.78
C CYS A 184 -10.02 -33.44 -63.64
N LEU A 185 -10.38 -33.11 -62.41
CA LEU A 185 -11.20 -31.95 -62.13
C LEU A 185 -10.80 -31.38 -60.78
N ALA A 186 -10.82 -30.06 -60.67
CA ALA A 186 -10.44 -29.38 -59.44
C ALA A 186 -11.47 -28.31 -59.12
N THR A 187 -11.73 -28.12 -57.83
CA THR A 187 -12.67 -27.12 -57.37
C THR A 187 -12.03 -26.33 -56.22
N SER A 188 -11.98 -25.01 -56.36
CA SER A 188 -11.52 -24.10 -55.33
C SER A 188 -12.73 -23.44 -54.68
N HIS A 189 -12.82 -23.58 -53.36
CA HIS A 189 -13.85 -22.94 -52.56
C HIS A 189 -13.23 -21.75 -51.85
N MET A 190 -13.81 -20.56 -52.06
CA MET A 190 -13.25 -19.32 -51.56
C MET A 190 -14.25 -18.69 -50.60
N ASP A 191 -13.95 -17.46 -50.19
CA ASP A 191 -14.80 -16.76 -49.22
C ASP A 191 -16.08 -16.21 -49.84
N PHE A 192 -16.06 -15.84 -51.12
CA PHE A 192 -17.21 -15.26 -51.78
C PHE A 192 -17.65 -15.98 -53.05
N SER A 193 -16.86 -16.91 -53.57
CA SER A 193 -17.20 -17.57 -54.83
C SER A 193 -16.64 -18.99 -54.80
N THR A 194 -17.01 -19.76 -55.83
CA THR A 194 -16.54 -21.12 -56.03
C THR A 194 -16.15 -21.30 -57.49
N LYS A 195 -14.93 -21.78 -57.74
CA LYS A 195 -14.46 -21.94 -59.10
C LYS A 195 -14.16 -23.41 -59.35
N SER A 196 -14.42 -23.86 -60.59
CA SER A 196 -14.19 -25.25 -60.96
C SER A 196 -13.54 -25.31 -62.33
N VAL A 197 -12.45 -26.08 -62.43
CA VAL A 197 -11.78 -26.35 -63.70
C VAL A 197 -11.71 -27.86 -63.91
N PHE A 198 -11.52 -28.25 -65.17
CA PHE A 198 -11.38 -29.64 -65.53
C PHE A 198 -10.23 -29.77 -66.54
N SER A 199 -9.68 -30.98 -66.62
CA SER A 199 -8.41 -31.18 -67.30
C SER A 199 -8.62 -31.57 -68.76
N LYS A 200 -7.49 -31.82 -69.43
CA LYS A 200 -7.48 -32.41 -70.76
C LYS A 200 -7.89 -33.88 -70.66
N PHE A 201 -8.58 -34.38 -71.68
CA PHE A 201 -9.16 -35.71 -71.68
C PHE A 201 -8.10 -36.79 -71.86
N ALA A 202 -8.33 -37.92 -71.18
CA ALA A 202 -7.38 -39.02 -71.15
C ALA A 202 -8.04 -40.27 -71.69
N GLN A 203 -7.23 -41.31 -71.88
CA GLN A 203 -7.66 -42.59 -72.42
C GLN A 203 -6.93 -43.71 -71.70
N LEU A 204 -7.69 -44.71 -71.26
CA LEU A 204 -7.12 -45.91 -70.66
C LEU A 204 -7.31 -47.09 -71.59
N ASN A 205 -6.22 -47.77 -71.93
CA ASN A 205 -6.25 -48.95 -72.77
C ASN A 205 -5.98 -50.17 -71.90
N LEU A 206 -6.77 -51.23 -72.11
CA LEU A 206 -6.72 -52.42 -71.26
C LEU A 206 -6.46 -53.66 -72.11
N ALA A 207 -5.61 -54.54 -71.60
CA ALA A 207 -5.29 -55.82 -72.21
C ALA A 207 -6.23 -56.91 -71.68
N ALA A 208 -5.84 -58.16 -71.92
CA ALA A 208 -6.61 -59.31 -71.47
C ALA A 208 -6.44 -59.53 -69.97
N GLU A 209 -7.35 -60.32 -69.40
CA GLU A 209 -7.46 -60.45 -67.96
C GLU A 209 -6.43 -61.44 -67.41
N ASP A 210 -5.69 -61.00 -66.39
CA ASP A 210 -4.78 -61.87 -65.65
C ASP A 210 -5.56 -62.46 -64.48
N THR A 211 -5.82 -63.77 -64.53
CA THR A 211 -6.64 -64.42 -63.52
C THR A 211 -5.79 -64.93 -62.36
N ARG A 212 -5.24 -64.01 -61.57
CA ARG A 212 -4.44 -64.35 -60.41
C ARG A 212 -4.76 -63.41 -59.26
N LEU A 213 -4.46 -63.85 -58.05
CA LEU A 213 -4.58 -63.03 -56.85
C LEU A 213 -3.19 -62.74 -56.31
N PHE A 214 -2.93 -61.47 -55.97
CA PHE A 214 -1.56 -61.06 -55.68
C PHE A 214 -1.52 -60.20 -54.42
N ALA A 215 -0.30 -59.99 -53.92
CA ALA A 215 -0.06 -59.19 -52.73
C ALA A 215 -0.22 -57.70 -53.05
N PRO A 216 -0.71 -56.89 -52.10
CA PRO A 216 -0.83 -55.45 -52.35
C PRO A 216 0.50 -54.73 -52.22
N SER A 217 0.53 -53.53 -52.79
CA SER A 217 1.65 -52.61 -52.63
C SER A 217 1.07 -51.21 -52.53
N ILE A 218 1.55 -50.43 -51.57
CA ILE A 218 0.98 -49.13 -51.29
C ILE A 218 1.54 -48.10 -52.26
N LYS A 219 0.65 -47.47 -53.02
CA LYS A 219 1.03 -46.47 -54.02
C LYS A 219 0.69 -45.05 -53.61
N ALA A 220 -0.52 -44.81 -53.14
CA ALA A 220 -0.91 -43.51 -52.61
C ALA A 220 -0.45 -43.40 -51.16
N ARG A 221 0.54 -42.55 -50.91
CA ARG A 221 1.21 -42.52 -49.62
C ARG A 221 1.07 -41.16 -48.97
N PHE A 222 0.63 -41.18 -47.70
CA PHE A 222 0.71 -40.00 -46.85
C PHE A 222 2.18 -39.75 -46.48
N PRO A 223 2.61 -38.48 -46.34
CA PRO A 223 4.06 -38.20 -46.22
C PRO A 223 4.62 -38.48 -44.83
N ALA A 224 5.94 -38.31 -44.73
CA ALA A 224 6.71 -38.80 -43.58
C ALA A 224 6.55 -37.91 -42.37
N GLU A 225 6.48 -36.59 -42.56
CA GLU A 225 6.22 -35.66 -41.48
C GLU A 225 5.07 -34.75 -41.89
N THR A 226 3.98 -34.79 -41.11
CA THR A 226 2.83 -33.91 -41.33
C THR A 226 2.78 -32.94 -40.16
N TYR A 227 3.05 -31.67 -40.44
CA TYR A 227 3.21 -30.66 -39.38
C TYR A 227 1.82 -30.10 -39.11
N ALA A 228 1.13 -30.70 -38.15
CA ALA A 228 -0.24 -30.31 -37.85
C ALA A 228 -0.27 -29.06 -36.98
N LEU A 229 -1.46 -28.49 -36.87
CA LEU A 229 -1.72 -27.35 -36.00
C LEU A 229 -2.96 -27.66 -35.17
N VAL A 230 -3.12 -26.96 -34.06
CA VAL A 230 -4.12 -27.31 -33.06
C VAL A 230 -5.49 -26.78 -33.49
N GLY A 231 -6.44 -27.69 -33.70
CA GLY A 231 -7.79 -27.33 -34.07
C GLY A 231 -8.12 -27.46 -35.54
N GLN A 232 -7.22 -28.03 -36.34
CA GLN A 232 -7.41 -28.11 -37.78
C GLN A 232 -7.35 -29.54 -38.27
N GLN A 233 -8.16 -29.84 -39.29
CA GLN A 233 -8.41 -31.20 -39.74
C GLN A 233 -7.26 -31.73 -40.59
N VAL A 234 -6.78 -32.92 -40.25
CA VAL A 234 -5.62 -33.52 -40.90
C VAL A 234 -6.06 -34.80 -41.61
N THR A 235 -5.80 -34.88 -42.90
CA THR A 235 -6.12 -36.06 -43.69
C THR A 235 -4.84 -36.81 -44.06
N LEU A 236 -4.93 -38.14 -44.08
CA LEU A 236 -3.86 -39.04 -44.46
C LEU A 236 -4.41 -40.07 -45.43
N GLU A 237 -3.59 -40.51 -46.40
CA GLU A 237 -4.02 -41.40 -47.45
C GLU A 237 -3.16 -42.65 -47.50
N CYS A 238 -3.81 -43.82 -47.60
CA CYS A 238 -3.09 -45.09 -47.72
C CYS A 238 -3.79 -46.03 -48.71
N PHE A 239 -4.14 -45.50 -49.89
CA PHE A 239 -4.75 -46.32 -50.92
C PHE A 239 -3.70 -47.18 -51.62
N ALA A 240 -4.12 -48.37 -52.06
CA ALA A 240 -3.20 -49.37 -52.59
C ALA A 240 -3.87 -50.19 -53.68
N PHE A 241 -3.04 -50.94 -54.41
CA PHE A 241 -3.52 -51.86 -55.43
C PHE A 241 -4.00 -53.17 -54.78
N GLY A 242 -4.67 -53.99 -55.56
CA GLY A 242 -5.06 -55.30 -55.06
C GLY A 242 -6.10 -56.07 -55.84
N ASN A 243 -5.95 -57.40 -55.84
CA ASN A 243 -6.97 -58.34 -56.30
C ASN A 243 -7.06 -59.46 -55.26
N PRO A 244 -8.09 -59.47 -54.38
CA PRO A 244 -9.24 -58.57 -54.18
C PRO A 244 -8.93 -57.25 -53.47
N VAL A 245 -9.98 -56.47 -53.17
CA VAL A 245 -9.84 -55.09 -52.66
C VAL A 245 -9.40 -55.13 -51.19
N PRO A 246 -8.27 -54.53 -50.83
CA PRO A 246 -7.70 -54.78 -49.50
C PRO A 246 -8.33 -53.89 -48.43
N ARG A 247 -8.47 -54.45 -47.24
CA ARG A 247 -8.88 -53.68 -46.08
C ARG A 247 -7.72 -52.82 -45.59
N ILE A 248 -8.04 -51.59 -45.19
CA ILE A 248 -7.03 -50.62 -44.78
C ILE A 248 -7.15 -50.43 -43.27
N LYS A 249 -6.02 -50.59 -42.58
CA LYS A 249 -5.96 -50.52 -41.13
C LYS A 249 -4.98 -49.40 -40.74
N TRP A 250 -5.39 -48.61 -39.76
CA TRP A 250 -4.57 -47.52 -39.24
C TRP A 250 -4.28 -47.80 -37.77
N ARG A 251 -3.02 -47.56 -37.37
CA ARG A 251 -2.66 -47.72 -35.97
C ARG A 251 -1.56 -46.74 -35.63
N LYS A 252 -1.33 -46.56 -34.32
CA LYS A 252 -0.28 -45.71 -33.80
C LYS A 252 0.86 -46.59 -33.30
N VAL A 253 2.09 -46.22 -33.68
CA VAL A 253 3.25 -47.04 -33.31
C VAL A 253 3.66 -46.77 -31.87
N ASP A 254 3.76 -45.51 -31.48
CA ASP A 254 4.16 -45.12 -30.13
C ASP A 254 2.97 -44.76 -29.26
N GLY A 255 1.83 -45.43 -29.45
CA GLY A 255 0.64 -45.17 -28.67
C GLY A 255 -0.58 -45.89 -29.20
N SER A 256 -1.76 -45.35 -28.93
CA SER A 256 -3.01 -45.92 -29.40
C SER A 256 -3.90 -44.83 -29.97
N LEU A 257 -4.78 -45.22 -30.89
CA LEU A 257 -5.70 -44.27 -31.49
C LEU A 257 -6.87 -43.96 -30.56
N SER A 258 -7.40 -42.74 -30.69
CA SER A 258 -8.64 -42.38 -30.03
C SER A 258 -9.81 -43.02 -30.76
N PRO A 259 -10.81 -43.60 -30.06
CA PRO A 259 -11.82 -44.40 -30.77
C PRO A 259 -12.98 -43.60 -31.36
N GLN A 260 -12.95 -42.27 -31.35
CA GLN A 260 -14.03 -41.48 -31.93
C GLN A 260 -13.94 -41.41 -33.45
N TRP A 261 -12.76 -41.67 -34.03
CA TRP A 261 -12.58 -41.54 -35.47
C TRP A 261 -11.87 -42.71 -36.13
N THR A 262 -11.88 -43.91 -35.54
CA THR A 262 -11.27 -45.06 -36.19
C THR A 262 -12.19 -45.63 -37.26
N THR A 263 -11.71 -45.64 -38.50
CA THR A 263 -12.45 -46.18 -39.62
C THR A 263 -11.59 -47.18 -40.36
N ALA A 264 -12.25 -48.11 -41.04
CA ALA A 264 -11.58 -49.07 -41.93
C ALA A 264 -11.68 -48.51 -43.35
N GLU A 265 -10.92 -47.45 -43.59
CA GLU A 265 -11.00 -46.65 -44.80
C GLU A 265 -9.59 -46.37 -45.29
N PRO A 266 -9.41 -46.14 -46.60
CA PRO A 266 -8.08 -45.69 -47.09
C PRO A 266 -7.75 -44.24 -46.77
N THR A 267 -8.73 -43.41 -46.42
CA THR A 267 -8.51 -42.02 -46.05
C THR A 267 -8.85 -41.85 -44.58
N LEU A 268 -7.87 -41.42 -43.78
CA LEU A 268 -8.10 -41.13 -42.37
C LEU A 268 -8.18 -39.63 -42.18
N GLN A 269 -9.33 -39.16 -41.71
CA GLN A 269 -9.56 -37.73 -41.48
C GLN A 269 -9.77 -37.48 -40.00
N ILE A 270 -8.88 -36.69 -39.42
CA ILE A 270 -8.90 -36.36 -38.00
C ILE A 270 -9.37 -34.92 -37.86
N PRO A 271 -10.56 -34.66 -37.28
CA PRO A 271 -11.12 -33.30 -37.34
C PRO A 271 -10.55 -32.33 -36.32
N SER A 272 -10.25 -32.81 -35.11
CA SER A 272 -9.76 -31.91 -34.06
C SER A 272 -8.44 -32.48 -33.54
N VAL A 273 -7.33 -31.85 -33.94
CA VAL A 273 -6.01 -32.34 -33.58
C VAL A 273 -5.52 -31.61 -32.34
N SER A 274 -5.21 -32.38 -31.29
CA SER A 274 -4.58 -31.87 -30.08
C SER A 274 -3.23 -32.55 -29.93
N PHE A 275 -2.63 -32.44 -28.74
CA PHE A 275 -1.27 -32.92 -28.53
C PHE A 275 -1.17 -34.41 -28.22
N GLU A 276 -2.30 -35.12 -28.11
CA GLU A 276 -2.26 -36.58 -28.03
C GLU A 276 -2.19 -37.23 -29.41
N ASP A 277 -2.35 -36.45 -30.49
CA ASP A 277 -2.30 -36.91 -31.86
C ASP A 277 -0.86 -36.92 -32.39
N GLU A 278 0.08 -36.33 -31.65
CA GLU A 278 1.50 -36.34 -32.00
C GLU A 278 2.14 -37.70 -31.77
N GLY A 279 2.77 -38.22 -32.82
CA GLY A 279 3.43 -39.50 -32.73
C GLY A 279 3.59 -40.15 -34.10
N THR A 280 3.90 -41.44 -34.06
CA THR A 280 4.23 -42.22 -35.24
C THR A 280 3.02 -43.07 -35.64
N TYR A 281 2.67 -43.04 -36.91
CA TYR A 281 1.48 -43.70 -37.45
C TYR A 281 1.89 -44.75 -38.46
N GLU A 282 1.12 -45.82 -38.53
CA GLU A 282 1.33 -46.92 -39.47
C GLU A 282 0.02 -47.26 -40.16
N CYS A 283 0.05 -47.34 -41.49
CA CYS A 283 -1.11 -47.75 -42.26
C CYS A 283 -0.79 -49.03 -43.03
N GLU A 284 -1.86 -49.79 -43.30
CA GLU A 284 -1.77 -51.19 -43.67
C GLU A 284 -2.83 -51.53 -44.70
N ALA A 285 -2.41 -52.15 -45.80
CA ALA A 285 -3.33 -52.74 -46.77
C ALA A 285 -3.21 -54.25 -46.69
N GLU A 286 -4.35 -54.93 -46.49
CA GLU A 286 -4.33 -56.36 -46.22
C GLU A 286 -5.47 -57.06 -46.96
N ASN A 287 -5.12 -58.12 -47.69
CA ASN A 287 -6.11 -59.08 -48.17
C ASN A 287 -5.59 -60.48 -47.89
N SER A 288 -6.26 -61.48 -48.48
CA SER A 288 -6.02 -62.90 -48.20
C SER A 288 -4.73 -63.45 -48.78
N LYS A 289 -4.09 -62.75 -49.72
CA LYS A 289 -2.75 -63.09 -50.15
C LYS A 289 -1.64 -62.31 -49.44
N GLY A 290 -1.98 -61.37 -48.55
CA GLY A 290 -0.94 -60.77 -47.75
C GLY A 290 -1.21 -59.30 -47.43
N ARG A 291 -0.18 -58.67 -46.88
CA ARG A 291 -0.30 -57.37 -46.22
C ARG A 291 0.89 -56.49 -46.59
N ASP A 292 0.71 -55.19 -46.38
CA ASP A 292 1.77 -54.20 -46.58
C ASP A 292 1.55 -53.02 -45.64
N THR A 293 2.65 -52.52 -45.07
CA THR A 293 2.60 -51.45 -44.09
C THR A 293 3.59 -50.36 -44.47
N VAL A 294 3.20 -49.10 -44.24
CA VAL A 294 4.13 -47.98 -44.35
C VAL A 294 3.78 -46.95 -43.26
N GLN A 295 4.79 -46.20 -42.81
CA GLN A 295 4.70 -45.37 -41.63
C GLN A 295 4.92 -43.90 -41.95
N GLY A 296 4.59 -43.05 -40.97
CA GLY A 296 4.82 -41.62 -41.03
C GLY A 296 4.71 -41.04 -39.64
N ARG A 297 4.82 -39.72 -39.56
CA ARG A 297 4.81 -39.02 -38.28
C ARG A 297 3.94 -37.78 -38.36
N ILE A 298 3.23 -37.49 -37.27
CA ILE A 298 2.50 -36.23 -37.12
C ILE A 298 3.03 -35.54 -35.87
N ILE A 299 3.63 -34.36 -36.05
CA ILE A 299 3.98 -33.50 -34.94
C ILE A 299 3.00 -32.34 -34.89
N VAL A 300 2.54 -32.04 -33.69
CA VAL A 300 1.48 -31.06 -33.51
C VAL A 300 2.09 -29.76 -33.03
N GLN A 301 1.93 -28.72 -33.83
CA GLN A 301 2.54 -27.43 -33.57
C GLN A 301 1.45 -26.48 -33.13
N ALA A 302 1.85 -25.32 -32.61
CA ALA A 302 0.86 -24.45 -31.98
C ALA A 302 1.12 -22.99 -32.30
N GLN A 303 0.06 -22.21 -32.30
CA GLN A 303 0.15 -20.76 -32.34
C GLN A 303 0.66 -20.21 -31.01
N PRO A 304 1.26 -19.01 -31.01
CA PRO A 304 1.50 -18.34 -29.74
C PRO A 304 0.22 -17.78 -29.13
N GLU A 305 0.05 -18.06 -27.83
CA GLU A 305 -0.90 -17.33 -27.01
C GLU A 305 -0.10 -16.74 -25.87
N TRP A 306 -0.65 -15.73 -25.21
CA TRP A 306 0.08 -15.09 -24.14
C TRP A 306 -0.16 -15.83 -22.84
N LEU A 307 0.85 -15.79 -21.95
CA LEU A 307 0.71 -16.29 -20.59
C LEU A 307 0.64 -15.15 -19.60
N LYS A 308 1.62 -14.26 -19.68
CA LYS A 308 1.57 -13.00 -18.94
C LYS A 308 1.99 -11.90 -19.89
N VAL A 309 1.34 -10.74 -19.76
CA VAL A 309 1.64 -9.58 -20.60
C VAL A 309 2.00 -8.39 -19.74
N ILE A 310 2.31 -7.31 -20.46
CA ILE A 310 2.61 -6.06 -19.84
C ILE A 310 1.38 -5.17 -19.78
N SER A 311 1.37 -4.27 -18.80
CA SER A 311 0.21 -3.42 -18.57
C SER A 311 0.69 -1.99 -18.43
N ASP A 312 -0.27 -1.09 -18.27
CA ASP A 312 -0.01 0.34 -18.27
C ASP A 312 0.57 0.78 -16.93
N THR A 313 1.85 1.20 -16.95
CA THR A 313 2.57 1.48 -15.73
C THR A 313 2.91 2.95 -15.63
N GLU A 314 2.42 3.58 -14.56
CA GLU A 314 2.90 4.87 -14.11
C GLU A 314 4.07 4.63 -13.17
N ALA A 315 5.24 5.14 -13.56
CA ALA A 315 6.45 4.86 -12.79
C ALA A 315 7.20 6.17 -12.58
N ASP A 316 8.02 6.18 -11.53
CA ASP A 316 8.75 7.37 -11.15
C ASP A 316 9.98 7.56 -12.03
N ILE A 317 10.56 8.76 -11.99
CA ILE A 317 11.82 9.01 -12.66
C ILE A 317 12.93 8.39 -11.83
N GLY A 318 13.72 7.50 -12.45
CA GLY A 318 14.88 6.94 -11.81
C GLY A 318 14.68 5.60 -11.15
N SER A 319 13.47 5.05 -11.18
CA SER A 319 13.24 3.75 -10.57
C SER A 319 13.64 2.62 -11.51
N ASN A 320 14.08 1.52 -10.91
CA ASN A 320 14.19 0.24 -11.61
C ASN A 320 12.81 -0.26 -11.97
N LEU A 321 12.70 -0.87 -13.16
CA LEU A 321 11.41 -1.43 -13.57
C LEU A 321 11.61 -2.66 -14.43
N ARG A 322 11.00 -3.77 -14.04
CA ARG A 322 11.05 -5.01 -14.80
C ARG A 322 9.66 -5.31 -15.35
N TRP A 323 9.57 -5.46 -16.66
CA TRP A 323 8.37 -5.98 -17.31
C TRP A 323 8.61 -7.37 -17.86
N GLY A 324 7.70 -8.29 -17.52
CA GLY A 324 7.73 -9.63 -18.06
C GLY A 324 6.67 -9.80 -19.13
N CYS A 325 7.05 -10.48 -20.19
CA CYS A 325 6.12 -10.80 -21.26
C CYS A 325 6.50 -12.16 -21.82
N ALA A 326 5.58 -13.11 -21.71
CA ALA A 326 5.91 -14.50 -22.05
C ALA A 326 4.77 -15.11 -22.84
N ALA A 327 5.13 -15.93 -23.82
CA ALA A 327 4.17 -16.53 -24.72
C ALA A 327 4.45 -18.01 -24.91
N ALA A 328 3.39 -18.77 -25.09
CA ALA A 328 3.49 -20.19 -25.28
C ALA A 328 3.08 -20.59 -26.68
N GLY A 329 3.74 -21.61 -27.19
CA GLY A 329 3.58 -22.04 -28.57
C GLY A 329 4.62 -23.08 -28.89
N LYS A 330 4.25 -24.00 -29.77
CA LYS A 330 5.24 -24.90 -30.33
C LYS A 330 5.34 -24.56 -31.81
N PRO A 331 6.50 -24.06 -32.33
CA PRO A 331 7.84 -23.82 -31.76
C PRO A 331 7.93 -22.58 -30.89
N ARG A 332 8.88 -22.59 -29.97
CA ARG A 332 8.82 -21.73 -28.80
C ARG A 332 9.30 -20.32 -29.12
N PRO A 333 8.53 -19.28 -28.79
CA PRO A 333 8.64 -18.01 -29.51
C PRO A 333 9.75 -17.12 -28.97
N THR A 334 10.29 -16.31 -29.87
CA THR A 334 11.27 -15.29 -29.51
C THR A 334 10.51 -13.98 -29.32
N VAL A 335 10.41 -13.55 -28.06
CA VAL A 335 9.80 -12.26 -27.77
C VAL A 335 10.78 -11.14 -28.11
N ARG A 336 10.33 -10.20 -28.93
CA ARG A 336 11.09 -9.06 -29.40
C ARG A 336 10.30 -7.81 -29.04
N TRP A 337 11.00 -6.76 -28.65
CA TRP A 337 10.36 -5.59 -28.05
C TRP A 337 10.39 -4.39 -28.97
N LEU A 338 9.46 -3.47 -28.75
CA LEU A 338 9.29 -2.29 -29.58
C LEU A 338 9.07 -1.04 -28.73
N ARG A 339 9.75 0.04 -29.10
CA ARG A 339 9.39 1.40 -28.71
C ARG A 339 8.91 2.15 -29.94
N ASN A 340 7.60 2.50 -29.93
CA ASN A 340 6.95 3.49 -30.83
C ASN A 340 7.01 3.12 -32.31
N GLY A 341 7.01 1.83 -32.60
CA GLY A 341 7.10 1.36 -33.96
C GLY A 341 8.45 0.87 -34.43
N GLU A 342 9.54 1.32 -33.80
CA GLU A 342 10.87 0.89 -34.19
C GLU A 342 11.40 -0.10 -33.15
N PRO A 343 12.27 -1.06 -33.54
CA PRO A 343 12.68 -2.10 -32.58
C PRO A 343 13.68 -1.62 -31.54
N LEU A 344 13.46 -2.05 -30.31
CA LEU A 344 14.21 -1.60 -29.15
C LEU A 344 15.34 -2.59 -28.90
N ALA A 345 16.57 -2.10 -29.04
CA ALA A 345 17.73 -2.90 -28.70
C ALA A 345 18.16 -2.58 -27.26
N SER A 346 19.36 -3.07 -26.92
CA SER A 346 19.97 -2.69 -25.65
C SER A 346 20.51 -1.27 -25.73
N GLN A 347 20.18 -0.47 -24.71
CA GLN A 347 20.47 0.95 -24.73
C GLN A 347 21.28 1.30 -23.49
N ASN A 348 21.38 2.61 -23.22
CA ASN A 348 22.16 3.09 -22.09
C ASN A 348 21.44 2.88 -20.76
N ARG A 349 20.11 2.79 -20.77
CA ARG A 349 19.35 2.58 -19.55
C ARG A 349 18.25 1.53 -19.71
N VAL A 350 18.01 1.07 -20.94
CA VAL A 350 16.92 0.15 -21.28
C VAL A 350 17.54 -1.15 -21.77
N GLU A 351 17.25 -2.27 -21.12
CA GLU A 351 17.89 -3.53 -21.48
C GLU A 351 16.88 -4.62 -21.79
N VAL A 352 17.01 -5.19 -22.99
CA VAL A 352 16.18 -6.27 -23.49
C VAL A 352 16.99 -7.55 -23.41
N LEU A 353 16.40 -8.59 -22.82
CA LEU A 353 17.08 -9.87 -22.65
C LEU A 353 16.44 -10.92 -23.57
N ALA A 354 15.70 -10.39 -24.59
CA ALA A 354 14.70 -11.07 -25.45
C ALA A 354 13.72 -11.89 -24.63
N GLY A 355 12.94 -11.16 -23.84
CA GLY A 355 12.23 -11.74 -22.72
C GLY A 355 11.76 -10.60 -21.85
N ASP A 356 12.17 -10.63 -20.58
CA ASP A 356 11.85 -9.54 -19.67
C ASP A 356 12.72 -8.32 -19.98
N LEU A 357 12.14 -7.14 -19.77
CA LEU A 357 12.72 -5.86 -20.11
C LEU A 357 12.97 -5.08 -18.82
N ARG A 358 14.20 -4.60 -18.63
CA ARG A 358 14.50 -3.87 -17.40
C ARG A 358 14.88 -2.44 -17.73
N PHE A 359 14.52 -1.53 -16.83
CA PHE A 359 14.96 -0.14 -16.83
C PHE A 359 15.77 0.08 -15.57
N SER A 360 16.99 0.58 -15.75
CA SER A 360 17.85 0.86 -14.60
C SER A 360 17.44 2.18 -13.94
N LYS A 361 17.51 3.28 -14.69
CA LYS A 361 17.10 4.58 -14.16
C LYS A 361 16.23 5.21 -15.24
N LEU A 362 14.94 5.35 -14.94
CA LEU A 362 13.98 5.88 -15.90
C LEU A 362 14.12 7.39 -16.03
N SER A 363 13.60 7.92 -17.14
CA SER A 363 13.60 9.35 -17.38
C SER A 363 12.38 9.67 -18.22
N LEU A 364 12.30 10.94 -18.64
CA LEU A 364 11.15 11.40 -19.41
C LEU A 364 11.24 11.03 -20.88
N GLU A 365 12.41 10.62 -21.36
CA GLU A 365 12.56 10.11 -22.72
C GLU A 365 11.96 8.71 -22.89
N ASP A 366 11.89 7.92 -21.80
CA ASP A 366 11.41 6.55 -21.86
C ASP A 366 9.90 6.41 -21.73
N SER A 367 9.16 7.51 -21.63
CA SER A 367 7.71 7.42 -21.65
C SER A 367 7.21 7.21 -23.07
N GLY A 368 6.23 6.35 -23.22
CA GLY A 368 5.68 6.06 -24.53
C GLY A 368 5.02 4.70 -24.54
N MET A 369 4.61 4.28 -25.73
CA MET A 369 3.99 2.97 -25.92
C MET A 369 5.09 1.96 -26.17
N TYR A 370 5.03 0.86 -25.46
CA TYR A 370 5.97 -0.23 -25.61
C TYR A 370 5.21 -1.48 -26.01
N GLN A 371 5.81 -2.25 -26.90
CA GLN A 371 5.09 -3.39 -27.46
C GLN A 371 5.93 -4.65 -27.32
N CYS A 372 5.22 -5.72 -27.03
CA CYS A 372 5.79 -7.04 -26.90
C CYS A 372 5.34 -7.88 -28.07
N VAL A 373 6.29 -8.36 -28.86
CA VAL A 373 6.02 -9.13 -30.08
C VAL A 373 6.45 -10.56 -29.82
N ALA A 374 5.55 -11.50 -30.04
CA ALA A 374 5.90 -12.91 -30.02
C ALA A 374 5.80 -13.48 -31.42
N GLU A 375 6.85 -14.16 -31.86
CA GLU A 375 6.87 -14.63 -33.22
C GLU A 375 7.42 -16.04 -33.31
N ASN A 376 6.76 -16.84 -34.13
CA ASN A 376 7.39 -17.98 -34.78
C ASN A 376 6.85 -18.07 -36.20
N LYS A 377 7.14 -19.20 -36.85
CA LYS A 377 6.75 -19.44 -38.23
C LYS A 377 5.27 -19.78 -38.40
N HIS A 378 4.56 -20.09 -37.31
CA HIS A 378 3.11 -20.19 -37.35
C HIS A 378 2.39 -18.91 -36.98
N GLY A 379 3.07 -17.84 -36.54
CA GLY A 379 2.35 -16.61 -36.32
C GLY A 379 3.07 -15.64 -35.40
N THR A 380 2.50 -14.45 -35.33
CA THR A 380 3.11 -13.29 -34.70
C THR A 380 2.02 -12.47 -34.02
N ILE A 381 2.13 -12.31 -32.70
CA ILE A 381 1.14 -11.59 -31.90
C ILE A 381 1.79 -10.46 -31.12
N TYR A 382 0.96 -9.48 -30.72
CA TYR A 382 1.42 -8.19 -30.21
C TYR A 382 0.71 -7.85 -28.91
N ALA A 383 1.38 -7.10 -28.03
CA ALA A 383 0.80 -6.62 -26.79
C ALA A 383 1.34 -5.24 -26.47
N SER A 384 0.46 -4.32 -26.10
CA SER A 384 0.80 -2.91 -25.98
C SER A 384 0.68 -2.46 -24.53
N ALA A 385 1.54 -1.52 -24.13
CA ALA A 385 1.48 -0.96 -22.79
C ALA A 385 1.96 0.48 -22.81
N GLU A 386 1.33 1.31 -22.00
CA GLU A 386 1.78 2.68 -21.86
C GLU A 386 2.70 2.80 -20.66
N LEU A 387 3.91 3.29 -20.87
CA LEU A 387 4.79 3.64 -19.77
C LEU A 387 4.76 5.15 -19.61
N ALA A 388 4.17 5.59 -18.50
CA ALA A 388 4.09 7.01 -18.15
C ALA A 388 5.08 7.25 -17.02
N VAL A 389 6.22 7.83 -17.36
CA VAL A 389 7.19 8.21 -16.34
C VAL A 389 6.84 9.60 -15.85
N GLN A 390 6.50 9.71 -14.57
CA GLN A 390 5.88 10.90 -14.03
C GLN A 390 6.87 11.72 -13.23
N ALA A 391 6.81 13.04 -13.40
CA ALA A 391 7.50 13.98 -12.54
C ALA A 391 6.53 14.48 -11.47
N LEU A 392 6.92 14.35 -10.22
CA LEU A 392 6.03 14.69 -9.12
C LEU A 392 6.71 15.67 -8.18
N ALA A 393 5.92 16.64 -7.73
CA ALA A 393 6.34 17.53 -6.66
C ALA A 393 6.29 16.77 -5.32
N PRO A 394 7.13 17.16 -4.31
CA PRO A 394 6.98 16.55 -2.97
C PRO A 394 5.72 17.00 -2.26
N ASP A 395 4.87 16.03 -1.94
CA ASP A 395 3.58 16.30 -1.33
C ASP A 395 3.55 15.64 0.04
N PHE A 396 3.32 16.44 1.07
CA PHE A 396 3.20 15.94 2.43
C PHE A 396 1.76 15.79 2.87
N ARG A 397 0.82 15.74 1.92
CA ARG A 397 -0.58 15.55 2.28
C ARG A 397 -0.88 14.10 2.64
N LEU A 398 -0.23 13.15 1.95
CA LEU A 398 -0.56 11.74 2.12
C LEU A 398 0.26 11.04 3.19
N ASN A 399 1.58 11.28 3.24
CA ASN A 399 2.46 10.62 4.21
C ASN A 399 3.48 11.63 4.71
N PRO A 400 3.14 12.41 5.74
CA PRO A 400 4.05 13.46 6.20
C PRO A 400 5.04 12.98 7.25
N VAL A 401 5.82 13.94 7.72
CA VAL A 401 6.53 13.89 9.00
C VAL A 401 5.43 13.93 10.07
N ARG A 402 5.57 13.06 11.10
CA ARG A 402 4.84 13.04 12.36
C ARG A 402 4.78 14.40 13.04
N ARG A 403 3.54 14.91 13.20
CA ARG A 403 3.29 16.29 13.57
C ARG A 403 3.62 16.53 15.03
N LEU A 404 3.31 15.55 15.87
CA LEU A 404 3.69 15.52 17.28
C LEU A 404 4.56 14.32 17.53
N ILE A 405 5.78 14.56 17.99
CA ILE A 405 6.76 13.51 18.24
C ILE A 405 7.01 13.49 19.74
N PRO A 406 6.43 12.55 20.49
CA PRO A 406 6.93 12.30 21.85
C PRO A 406 8.26 11.57 21.79
N ALA A 407 9.10 11.84 22.78
CA ALA A 407 10.45 11.30 22.81
C ALA A 407 10.85 11.03 24.25
N ALA A 408 11.56 9.94 24.45
CA ALA A 408 12.01 9.58 25.78
C ALA A 408 13.28 10.36 26.11
N ARG A 409 13.44 10.70 27.38
CA ARG A 409 14.66 11.35 27.83
C ARG A 409 15.76 10.32 27.97
N GLY A 410 16.84 10.49 27.22
CA GLY A 410 17.92 9.54 27.21
C GLY A 410 17.76 8.38 26.26
N GLY A 411 16.68 8.34 25.48
CA GLY A 411 16.47 7.27 24.53
C GLY A 411 16.96 7.64 23.14
N GLU A 412 16.31 7.07 22.13
CA GLU A 412 16.73 7.22 20.75
C GLU A 412 15.51 7.11 19.86
N ILE A 413 15.24 8.17 19.09
CA ILE A 413 14.06 8.21 18.24
C ILE A 413 14.43 8.35 16.77
N LEU A 414 13.44 8.04 15.94
CA LEU A 414 13.51 7.94 14.49
C LEU A 414 12.41 8.82 13.93
N ILE A 415 12.79 9.87 13.21
CA ILE A 415 11.79 10.72 12.55
C ILE A 415 11.90 10.55 11.04
N PRO A 416 11.02 9.80 10.37
CA PRO A 416 11.12 9.69 8.91
C PRO A 416 10.55 10.90 8.17
N CYS A 417 11.29 11.37 7.17
CA CYS A 417 10.75 12.31 6.19
C CYS A 417 10.69 11.60 4.85
N GLN A 418 9.53 11.04 4.52
CA GLN A 418 9.35 10.32 3.27
C GLN A 418 8.14 10.87 2.53
N PRO A 419 8.32 11.92 1.72
CA PRO A 419 7.20 12.45 0.93
C PRO A 419 6.96 11.62 -0.31
N ARG A 420 5.81 11.85 -0.93
CA ARG A 420 5.53 11.31 -2.25
C ARG A 420 6.27 12.16 -3.28
N ALA A 421 7.39 11.65 -3.78
CA ALA A 421 8.24 12.43 -4.68
C ALA A 421 8.78 11.54 -5.78
N ALA A 422 8.83 12.11 -6.99
CA ALA A 422 9.45 11.49 -8.15
C ALA A 422 10.35 12.52 -8.80
N PRO A 423 11.70 12.39 -8.73
CA PRO A 423 12.52 11.33 -8.14
C PRO A 423 12.76 11.44 -6.63
N LYS A 424 13.81 10.80 -6.14
CA LYS A 424 14.14 10.76 -4.72
C LYS A 424 14.65 12.11 -4.24
N ALA A 425 13.89 12.72 -3.33
CA ALA A 425 14.13 14.10 -2.95
C ALA A 425 15.27 14.22 -1.95
N VAL A 426 15.99 15.32 -2.04
CA VAL A 426 17.01 15.65 -1.06
C VAL A 426 16.33 16.13 0.21
N VAL A 427 16.63 15.46 1.32
CA VAL A 427 16.05 15.77 2.63
C VAL A 427 17.08 16.58 3.39
N LEU A 428 16.70 17.80 3.77
CA LEU A 428 17.53 18.70 4.56
C LEU A 428 16.74 19.00 5.83
N TRP A 429 17.24 18.52 6.96
CA TRP A 429 16.52 18.70 8.20
C TRP A 429 16.93 20.00 8.86
N SER A 430 16.02 20.56 9.65
CA SER A 430 16.33 21.78 10.38
C SER A 430 15.63 21.78 11.73
N LYS A 431 16.25 22.43 12.71
CA LYS A 431 15.64 22.74 13.99
C LYS A 431 15.56 24.26 14.09
N GLY A 432 14.36 24.80 13.90
CA GLY A 432 14.19 26.23 13.77
C GLY A 432 14.73 26.74 12.46
N THR A 433 15.84 27.50 12.52
CA THR A 433 16.53 27.97 11.33
C THR A 433 17.95 27.43 11.22
N GLU A 434 18.28 26.36 11.95
CA GLU A 434 19.64 25.83 12.02
C GLU A 434 19.70 24.48 11.31
N ILE A 435 20.60 24.36 10.34
CA ILE A 435 20.64 23.20 9.46
C ILE A 435 21.38 22.06 10.14
N LEU A 436 20.73 20.90 10.25
CA LEU A 436 21.26 19.76 10.98
C LEU A 436 22.28 18.98 10.16
N VAL A 437 23.45 18.75 10.76
CA VAL A 437 24.59 18.06 10.16
C VAL A 437 24.63 16.74 10.92
N ASN A 438 25.21 15.68 10.30
CA ASN A 438 25.76 14.56 11.09
C ASN A 438 26.75 15.01 12.16
N SER A 439 26.59 14.40 13.32
CA SER A 439 27.53 14.49 14.42
C SER A 439 27.60 13.12 15.07
N SER A 440 28.06 13.07 16.32
CA SER A 440 28.05 11.82 17.07
C SER A 440 26.76 11.63 17.85
N ARG A 441 25.84 12.58 17.80
CA ARG A 441 24.57 12.53 18.51
C ARG A 441 23.36 12.60 17.60
N VAL A 442 23.42 13.36 16.51
CA VAL A 442 22.31 13.60 15.59
C VAL A 442 22.72 13.07 14.22
N THR A 443 21.93 12.16 13.66
CA THR A 443 22.27 11.54 12.39
C THR A 443 21.17 11.82 11.36
N VAL A 444 21.54 12.37 10.22
CA VAL A 444 20.60 12.50 9.10
C VAL A 444 20.91 11.39 8.09
N THR A 445 20.13 10.33 8.12
CA THR A 445 20.30 9.24 7.17
C THR A 445 19.71 9.65 5.82
N PRO A 446 20.35 9.33 4.68
CA PRO A 446 19.87 9.89 3.39
C PRO A 446 18.62 9.26 2.77
N ASP A 447 17.93 8.32 3.42
CA ASP A 447 16.58 7.98 2.96
C ASP A 447 15.51 8.92 3.53
N GLY A 448 15.87 9.74 4.51
CA GLY A 448 14.97 10.74 5.06
C GLY A 448 14.85 10.72 6.57
N THR A 449 15.38 9.70 7.24
CA THR A 449 15.11 9.53 8.67
C THR A 449 16.13 10.31 9.48
N LEU A 450 15.67 10.90 10.57
CA LEU A 450 16.54 11.58 11.52
C LEU A 450 16.65 10.74 12.78
N ILE A 451 17.89 10.42 13.16
CA ILE A 451 18.17 9.55 14.29
C ILE A 451 18.69 10.45 15.39
N ILE A 452 17.92 10.62 16.45
CA ILE A 452 18.38 11.41 17.59
C ILE A 452 18.50 10.50 18.79
N ARG A 453 19.73 10.33 19.27
CA ARG A 453 20.02 9.58 20.48
C ARG A 453 20.46 10.56 21.55
N ASN A 454 20.41 10.08 22.81
CA ASN A 454 20.76 10.78 24.07
C ASN A 454 19.97 12.08 24.27
N ILE A 455 18.64 11.94 24.32
CA ILE A 455 17.76 13.10 24.11
C ILE A 455 17.56 13.82 25.43
N SER A 456 17.75 15.13 25.42
CA SER A 456 17.64 15.95 26.63
C SER A 456 16.59 17.03 26.40
N ARG A 457 16.55 17.99 27.32
CA ARG A 457 15.54 19.06 27.27
C ARG A 457 15.85 20.15 26.25
N SER A 458 17.07 20.20 25.70
CA SER A 458 17.42 21.13 24.65
C SER A 458 17.01 20.66 23.26
N ASP A 459 16.53 19.42 23.12
CA ASP A 459 16.13 18.89 21.82
C ASP A 459 14.65 19.10 21.52
N GLU A 460 13.91 19.79 22.36
CA GLU A 460 12.50 20.08 22.08
C GLU A 460 12.38 21.18 21.04
N GLY A 461 11.44 21.05 20.11
CA GLY A 461 11.16 22.16 19.24
C GLY A 461 10.66 21.76 17.87
N LYS A 462 11.18 22.49 16.88
CA LYS A 462 10.56 22.69 15.57
C LYS A 462 11.36 21.95 14.51
N TYR A 463 11.07 20.66 14.31
CA TYR A 463 11.84 19.89 13.35
C TYR A 463 11.20 19.92 11.97
N THR A 464 11.82 20.66 11.06
CA THR A 464 11.25 20.94 9.74
C THR A 464 12.10 20.23 8.70
N CYS A 465 11.46 19.35 7.93
CA CYS A 465 12.11 18.65 6.84
C CYS A 465 11.88 19.41 5.55
N PHE A 466 12.97 19.69 4.83
CA PHE A 466 12.92 20.29 3.51
C PHE A 466 13.20 19.20 2.48
N ALA A 467 12.18 18.87 1.69
CA ALA A 467 12.32 17.92 0.61
C ALA A 467 12.43 18.70 -0.69
N GLU A 468 13.48 18.43 -1.45
CA GLU A 468 13.80 19.24 -2.61
C GLU A 468 14.18 18.35 -3.79
N ASN A 469 13.49 18.52 -4.91
CA ASN A 469 14.01 18.05 -6.18
C ASN A 469 13.82 19.15 -7.23
N PHE A 470 14.16 18.84 -8.48
CA PHE A 470 14.27 19.84 -9.55
C PHE A 470 12.92 20.32 -10.07
N MET A 471 11.84 19.60 -9.79
CA MET A 471 10.51 20.17 -9.97
C MET A 471 10.14 21.13 -8.85
N GLY A 472 10.45 20.82 -7.59
CA GLY A 472 9.92 21.65 -6.52
C GLY A 472 10.38 21.27 -5.13
N LYS A 473 9.93 22.08 -4.18
CA LYS A 473 10.35 22.04 -2.78
C LYS A 473 9.13 22.00 -1.89
N ALA A 474 9.26 21.33 -0.75
CA ALA A 474 8.22 21.34 0.27
C ALA A 474 8.85 21.15 1.64
N ASN A 475 8.08 21.47 2.68
CA ASN A 475 8.55 21.32 4.05
C ASN A 475 7.46 20.75 4.93
N SER A 476 7.89 20.04 5.97
CA SER A 476 6.97 19.50 6.97
C SER A 476 7.54 19.73 8.36
N THR A 477 6.66 19.81 9.35
CA THR A 477 7.04 20.33 10.66
C THR A 477 6.58 19.35 11.74
N GLY A 478 7.51 18.94 12.59
CA GLY A 478 7.22 18.09 13.72
C GLY A 478 7.52 18.78 15.03
N ILE A 479 6.52 18.85 15.91
CA ILE A 479 6.70 19.42 17.23
C ILE A 479 7.23 18.32 18.13
N LEU A 480 8.40 18.51 18.71
CA LEU A 480 9.01 17.47 19.52
C LEU A 480 9.08 17.93 20.96
N SER A 481 8.57 17.11 21.88
CA SER A 481 8.63 17.35 23.31
C SER A 481 9.22 16.12 23.99
N VAL A 482 10.06 16.36 25.00
CA VAL A 482 10.84 15.33 25.66
C VAL A 482 10.31 15.16 27.08
N ARG A 483 9.81 13.97 27.37
CA ARG A 483 9.32 13.61 28.68
C ARG A 483 10.20 12.50 29.24
N ASP A 484 9.97 12.14 30.51
CA ASP A 484 10.74 11.06 31.13
C ASP A 484 10.24 9.70 30.64
N ALA A 485 11.17 8.75 30.54
CA ALA A 485 10.83 7.43 30.04
C ALA A 485 10.23 6.57 31.13
N THR A 486 9.49 5.55 30.71
CA THR A 486 8.97 4.56 31.65
C THR A 486 10.09 3.61 32.06
N LYS A 487 10.38 3.57 33.35
CA LYS A 487 11.47 2.74 33.87
C LYS A 487 10.92 1.83 34.95
N ILE A 488 11.21 0.54 34.85
CA ILE A 488 10.87 -0.40 35.91
C ILE A 488 11.88 -0.21 37.04
N THR A 489 11.40 0.12 38.22
CA THR A 489 12.25 0.27 39.40
C THR A 489 12.45 -1.03 40.16
N LEU A 490 11.44 -1.90 40.18
CA LEU A 490 11.58 -3.23 40.81
C LEU A 490 11.11 -4.28 39.82
N ALA A 491 12.05 -5.09 39.34
CA ALA A 491 11.75 -6.19 38.44
C ALA A 491 11.09 -7.34 39.21
N PRO A 492 10.25 -8.15 38.56
CA PRO A 492 9.77 -9.38 39.20
C PRO A 492 10.87 -10.44 39.32
N SER A 493 10.69 -11.31 40.31
CA SER A 493 11.65 -12.34 40.64
C SER A 493 11.10 -13.70 40.27
N SER A 494 11.96 -14.55 39.72
CA SER A 494 11.56 -15.91 39.38
C SER A 494 11.49 -16.78 40.63
N ALA A 495 10.47 -17.63 40.68
CA ALA A 495 10.27 -18.50 41.83
C ALA A 495 9.64 -19.81 41.38
N ASP A 496 9.89 -20.86 42.15
CA ASP A 496 9.26 -22.17 41.95
C ASP A 496 8.34 -22.45 43.13
N ILE A 497 7.11 -22.88 42.84
CA ILE A 497 6.11 -23.15 43.85
C ILE A 497 5.55 -24.55 43.64
N ASN A 498 4.68 -24.96 44.57
CA ASN A 498 3.99 -26.23 44.46
C ASN A 498 2.62 -26.04 43.84
N LEU A 499 1.87 -27.14 43.77
CA LEU A 499 0.52 -27.08 43.24
C LEU A 499 -0.44 -26.58 44.31
N GLY A 500 -1.00 -25.39 44.11
CA GLY A 500 -1.99 -24.83 45.00
C GLY A 500 -1.51 -23.72 45.91
N ASP A 501 -0.26 -23.29 45.77
CA ASP A 501 0.26 -22.23 46.62
C ASP A 501 -0.17 -20.85 46.10
N ASN A 502 0.02 -19.84 46.94
CA ASN A 502 -0.14 -18.45 46.55
C ASN A 502 1.21 -17.90 46.12
N LEU A 503 1.21 -17.03 45.11
CA LEU A 503 2.46 -16.38 44.69
C LEU A 503 2.18 -14.97 44.19
N THR A 504 2.91 -14.00 44.74
CA THR A 504 2.73 -12.59 44.40
C THR A 504 4.01 -12.06 43.76
N LEU A 505 3.86 -11.48 42.57
CA LEU A 505 4.97 -10.96 41.78
C LEU A 505 4.88 -9.45 41.72
N GLN A 506 6.01 -8.77 41.91
CA GLN A 506 6.04 -7.33 41.99
C GLN A 506 6.40 -6.69 40.65
N CYS A 507 5.78 -5.55 40.34
CA CYS A 507 6.20 -4.75 39.20
C CYS A 507 5.96 -3.29 39.54
N HIS A 508 7.02 -2.58 39.91
CA HIS A 508 6.95 -1.18 40.26
C HIS A 508 7.56 -0.38 39.12
N ALA A 509 6.87 0.67 38.68
CA ALA A 509 7.35 1.46 37.56
C ALA A 509 7.36 2.93 37.93
N SER A 510 8.04 3.71 37.12
CA SER A 510 8.15 5.15 37.33
C SER A 510 8.14 5.82 35.98
N HIS A 511 7.46 6.95 35.91
CA HIS A 511 7.10 7.55 34.64
C HIS A 511 6.90 9.05 34.84
N ASP A 512 6.64 9.73 33.73
CA ASP A 512 6.44 11.16 33.75
C ASP A 512 5.03 11.44 34.24
N PRO A 513 4.83 12.30 35.26
CA PRO A 513 3.51 12.38 35.91
C PRO A 513 2.46 13.20 35.18
N THR A 514 2.83 13.85 34.07
CA THR A 514 1.87 14.36 33.10
C THR A 514 1.08 13.23 32.43
N MET A 515 1.70 12.09 32.16
CA MET A 515 1.07 11.03 31.39
C MET A 515 0.28 10.08 32.29
N ASP A 516 -0.22 8.98 31.72
CA ASP A 516 -1.04 8.04 32.48
C ASP A 516 -0.44 6.66 32.29
N LEU A 517 -0.02 6.03 33.38
CA LEU A 517 0.63 4.73 33.31
C LEU A 517 -0.38 3.61 33.48
N THR A 518 -0.23 2.55 32.67
CA THR A 518 -1.04 1.36 32.85
C THR A 518 -0.13 0.14 32.84
N PHE A 519 -0.64 -0.94 33.45
CA PHE A 519 0.11 -2.18 33.62
C PHE A 519 -0.60 -3.30 32.87
N THR A 520 0.07 -3.88 31.89
CA THR A 520 -0.41 -5.11 31.30
C THR A 520 0.51 -6.25 31.76
N TRP A 521 -0.10 -7.39 32.06
CA TRP A 521 0.63 -8.58 32.48
C TRP A 521 0.37 -9.66 31.46
N THR A 522 1.44 -10.28 30.95
CA THR A 522 1.30 -11.29 29.91
C THR A 522 1.94 -12.59 30.38
N LEU A 523 1.34 -13.71 29.96
CA LEU A 523 1.86 -15.03 30.22
C LEU A 523 2.25 -15.66 28.90
N ASP A 524 3.58 -15.86 28.71
CA ASP A 524 4.29 -16.29 27.48
C ASP A 524 3.93 -15.41 26.29
N ASP A 525 3.94 -14.09 26.52
CA ASP A 525 3.49 -12.99 25.65
C ASP A 525 2.05 -13.17 25.15
N PHE A 526 1.15 -13.62 26.02
CA PHE A 526 -0.28 -13.72 25.82
C PHE A 526 -0.98 -13.21 27.08
N PRO A 527 -2.04 -12.38 26.94
CA PRO A 527 -2.48 -11.56 28.09
C PRO A 527 -3.35 -12.30 29.10
N ILE A 528 -3.51 -11.66 30.26
CA ILE A 528 -4.13 -12.25 31.44
C ILE A 528 -5.50 -11.61 31.65
N ASP A 529 -6.54 -12.44 31.65
CA ASP A 529 -7.90 -12.00 31.92
C ASP A 529 -8.07 -11.77 33.42
N PHE A 530 -8.71 -10.66 33.78
CA PHE A 530 -9.02 -10.34 35.17
C PHE A 530 -10.51 -10.18 35.42
N ASP A 531 -11.36 -10.51 34.46
CA ASP A 531 -12.78 -10.20 34.57
C ASP A 531 -13.59 -11.33 35.20
N LYS A 532 -12.95 -12.43 35.58
CA LYS A 532 -13.66 -13.55 36.19
C LYS A 532 -13.95 -13.26 37.66
N PRO A 533 -15.19 -13.39 38.12
CA PRO A 533 -15.45 -13.30 39.57
C PRO A 533 -15.02 -14.58 40.27
N GLY A 534 -14.19 -14.42 41.29
CA GLY A 534 -13.53 -15.57 41.88
C GLY A 534 -12.43 -16.14 41.02
N GLY A 535 -11.74 -15.30 40.24
CA GLY A 535 -10.73 -15.78 39.34
C GLY A 535 -9.41 -16.05 40.05
N HIS A 536 -8.56 -16.81 39.37
CA HIS A 536 -7.30 -17.27 39.96
C HIS A 536 -6.13 -16.31 39.73
N TYR A 537 -6.33 -15.26 38.93
CA TYR A 537 -5.35 -14.19 38.76
C TYR A 537 -5.93 -12.90 39.33
N ARG A 538 -5.19 -12.26 40.23
CA ARG A 538 -5.71 -11.07 40.90
C ARG A 538 -4.68 -9.95 40.89
N ARG A 539 -5.17 -8.72 40.70
CA ARG A 539 -4.34 -7.55 40.91
C ARG A 539 -4.15 -7.30 42.39
N THR A 540 -2.95 -6.87 42.77
CA THR A 540 -2.56 -6.69 44.16
C THR A 540 -1.83 -5.36 44.28
N ASN A 541 -2.30 -4.57 45.28
CA ASN A 541 -1.90 -3.19 45.61
C ASN A 541 -2.05 -2.24 44.43
N VAL A 542 -3.31 -2.02 44.03
CA VAL A 542 -3.63 -1.29 42.81
C VAL A 542 -3.48 0.21 43.06
N LYS A 543 -2.37 0.77 42.59
CA LYS A 543 -2.05 2.19 42.75
C LYS A 543 -1.60 2.72 41.39
N GLU A 544 -1.01 3.90 41.41
CA GLU A 544 -0.55 4.55 40.18
C GLU A 544 0.75 3.92 39.67
N THR A 545 1.62 3.50 40.58
CA THR A 545 2.94 2.99 40.24
C THR A 545 3.16 1.54 40.64
N ILE A 546 2.23 0.93 41.36
CA ILE A 546 2.38 -0.43 41.88
C ILE A 546 1.36 -1.32 41.19
N GLY A 547 1.83 -2.40 40.56
CA GLY A 547 1.03 -3.19 39.65
C GLY A 547 1.05 -4.70 39.86
N ASP A 548 0.93 -5.16 41.12
CA ASP A 548 1.37 -6.49 41.53
C ASP A 548 0.38 -7.57 41.08
N LEU A 549 0.88 -8.79 40.88
CA LEU A 549 0.04 -9.89 40.38
C LEU A 549 0.11 -11.08 41.32
N THR A 550 -1.04 -11.56 41.78
CA THR A 550 -1.12 -12.73 42.64
C THR A 550 -1.78 -13.88 41.90
N ILE A 551 -1.07 -15.01 41.82
CA ILE A 551 -1.62 -16.28 41.38
C ILE A 551 -2.11 -17.01 42.63
N LEU A 552 -3.41 -17.31 42.65
CA LEU A 552 -4.08 -18.01 43.74
C LEU A 552 -4.48 -19.38 43.23
N ASN A 553 -4.15 -20.42 44.03
CA ASN A 553 -4.41 -21.87 43.80
C ASN A 553 -3.79 -22.36 42.48
N ALA A 554 -2.46 -22.39 42.45
CA ALA A 554 -1.71 -22.61 41.22
C ALA A 554 -1.76 -24.07 40.76
N GLN A 555 -2.02 -24.25 39.47
CA GLN A 555 -2.14 -25.56 38.85
C GLN A 555 -1.06 -25.67 37.77
N LEU A 556 -1.18 -26.72 36.95
CA LEU A 556 -0.13 -27.06 36.00
C LEU A 556 -0.12 -26.17 34.76
N ARG A 557 -1.22 -25.46 34.49
CA ARG A 557 -1.26 -24.54 33.36
C ARG A 557 -0.82 -23.13 33.72
N HIS A 558 -0.46 -22.87 34.97
CA HIS A 558 -0.06 -21.53 35.39
C HIS A 558 1.44 -21.33 35.41
N GLY A 559 2.22 -22.32 34.98
CA GLY A 559 3.66 -22.14 34.89
C GLY A 559 4.07 -21.58 33.54
N GLY A 560 5.08 -20.74 33.56
CA GLY A 560 5.59 -20.12 32.34
C GLY A 560 6.30 -18.83 32.65
N LYS A 561 6.53 -18.06 31.59
CA LYS A 561 7.24 -16.78 31.69
C LYS A 561 6.21 -15.66 31.72
N TYR A 562 6.13 -14.99 32.87
CA TYR A 562 5.26 -13.82 33.00
C TYR A 562 6.07 -12.55 32.73
N THR A 563 5.56 -11.72 31.81
CA THR A 563 6.18 -10.45 31.48
C THR A 563 5.27 -9.33 31.95
N CYS A 564 5.80 -8.49 32.83
CA CYS A 564 5.14 -7.24 33.19
C CYS A 564 5.54 -6.16 32.20
N MET A 565 4.54 -5.64 31.49
CA MET A 565 4.75 -4.58 30.53
C MET A 565 4.01 -3.35 31.06
N ALA A 566 4.76 -2.46 31.68
CA ALA A 566 4.23 -1.18 32.13
C ALA A 566 4.37 -0.19 31.00
N GLN A 567 3.24 0.27 30.47
CA GLN A 567 3.29 1.17 29.33
C GLN A 567 2.51 2.42 29.63
N THR A 568 2.93 3.50 28.99
CA THR A 568 2.05 4.62 28.74
C THR A 568 1.56 4.51 27.30
N VAL A 569 0.96 5.58 26.77
CA VAL A 569 0.43 5.53 25.43
C VAL A 569 1.52 5.79 24.38
N VAL A 570 2.66 6.37 24.78
CA VAL A 570 3.70 6.70 23.80
C VAL A 570 4.93 5.79 23.95
N ASP A 571 5.06 5.07 25.07
CA ASP A 571 6.21 4.20 25.27
C ASP A 571 5.84 3.03 26.17
N SER A 572 6.83 2.18 26.44
CA SER A 572 6.62 0.96 27.21
C SER A 572 7.91 0.51 27.87
N ALA A 573 7.77 -0.37 28.86
CA ALA A 573 8.91 -1.06 29.48
C ALA A 573 8.45 -2.44 29.90
N SER A 574 9.35 -3.42 29.80
CA SER A 574 8.98 -4.81 30.06
C SER A 574 10.06 -5.51 30.88
N LYS A 575 9.61 -6.32 31.83
CA LYS A 575 10.50 -7.18 32.61
C LYS A 575 9.87 -8.56 32.73
N GLU A 576 10.72 -9.58 32.92
CA GLU A 576 10.28 -10.96 32.87
C GLU A 576 10.54 -11.70 34.17
N ALA A 577 9.78 -12.78 34.39
CA ALA A 577 9.98 -13.71 35.48
C ALA A 577 9.51 -15.08 35.05
N THR A 578 9.96 -16.11 35.76
CA THR A 578 9.63 -17.50 35.44
C THR A 578 9.00 -18.17 36.66
N VAL A 579 7.78 -18.69 36.48
CA VAL A 579 7.05 -19.37 37.54
C VAL A 579 6.90 -20.83 37.16
N LEU A 580 7.45 -21.72 37.99
CA LEU A 580 7.28 -23.16 37.80
C LEU A 580 6.44 -23.70 38.94
N VAL A 581 5.58 -24.66 38.60
CA VAL A 581 4.56 -25.16 39.51
C VAL A 581 4.80 -26.61 39.94
N ARG A 582 5.67 -27.33 39.24
CA ARG A 582 5.95 -28.72 39.58
C ARG A 582 7.43 -29.01 39.36
N GLY A 583 8.03 -29.69 40.33
CA GLY A 583 9.44 -30.03 40.23
C GLY A 583 9.70 -31.27 39.41
N THR B 11 -12.21 21.49 -2.23
CA THR B 11 -12.50 22.24 -1.01
C THR B 11 -11.92 21.53 0.21
N PHE B 12 -11.36 22.31 1.13
CA PHE B 12 -10.77 21.78 2.35
C PHE B 12 -11.19 22.65 3.52
N GLY B 13 -11.15 22.07 4.72
CA GLY B 13 -11.71 22.68 5.91
C GLY B 13 -10.88 23.81 6.49
N PRO B 14 -11.42 24.54 7.47
CA PRO B 14 -10.66 25.63 8.07
C PRO B 14 -9.68 25.11 9.12
N VAL B 15 -8.40 25.32 8.85
CA VAL B 15 -7.34 25.01 9.81
C VAL B 15 -6.78 26.34 10.29
N PHE B 16 -6.69 26.51 11.61
CA PHE B 16 -6.31 27.79 12.20
C PHE B 16 -4.83 28.11 12.04
N GLU B 17 -4.54 29.37 11.70
CA GLU B 17 -3.19 29.89 11.78
C GLU B 17 -3.04 31.01 12.79
N ASP B 18 -4.15 31.59 13.23
CA ASP B 18 -4.15 32.59 14.31
C ASP B 18 -5.26 32.25 15.29
N GLN B 19 -4.89 31.91 16.50
CA GLN B 19 -5.79 31.65 17.60
C GLN B 19 -5.76 32.81 18.58
N PRO B 20 -6.87 33.14 19.26
CA PRO B 20 -6.87 34.35 20.10
C PRO B 20 -6.21 34.15 21.46
N LEU B 21 -5.56 35.22 21.93
CA LEU B 21 -4.77 35.22 23.14
C LEU B 21 -5.52 35.98 24.23
N SER B 22 -5.33 35.55 25.48
CA SER B 22 -6.00 36.19 26.61
C SER B 22 -5.33 37.51 26.94
N VAL B 23 -6.14 38.57 26.99
CA VAL B 23 -5.64 39.94 27.04
C VAL B 23 -6.04 40.55 28.39
N LEU B 24 -5.01 40.95 29.15
CA LEU B 24 -5.18 41.80 30.32
C LEU B 24 -5.23 43.25 29.84
N PHE B 25 -6.39 43.89 30.00
CA PHE B 25 -6.57 45.26 29.54
C PHE B 25 -6.32 46.22 30.68
N PRO B 26 -5.45 47.24 30.53
CA PRO B 26 -5.18 48.15 31.63
C PRO B 26 -6.25 49.23 31.81
N GLU B 27 -6.34 49.74 33.03
CA GLU B 27 -7.16 50.93 33.26
C GLU B 27 -6.45 52.17 32.74
N GLU B 28 -5.13 52.23 32.89
CA GLU B 28 -4.31 53.29 32.30
C GLU B 28 -3.85 52.89 30.90
N SER B 29 -4.81 52.92 29.97
CA SER B 29 -4.56 52.45 28.61
C SER B 29 -4.12 53.59 27.70
N THR B 30 -3.37 53.24 26.67
CA THR B 30 -2.97 54.21 25.65
C THR B 30 -3.94 54.26 24.49
N GLU B 31 -4.54 53.13 24.12
CA GLU B 31 -5.57 53.08 23.09
C GLU B 31 -6.84 52.51 23.70
N GLU B 32 -7.96 52.73 23.01
CA GLU B 32 -9.27 52.33 23.50
C GLU B 32 -9.86 51.13 22.76
N GLN B 33 -9.03 50.31 22.12
CA GLN B 33 -9.54 49.21 21.32
C GLN B 33 -8.86 47.90 21.71
N VAL B 34 -9.62 46.82 21.61
CA VAL B 34 -9.15 45.46 21.86
C VAL B 34 -9.26 44.67 20.56
N LEU B 35 -8.14 44.16 20.08
CA LEU B 35 -8.11 43.26 18.93
C LEU B 35 -7.93 41.83 19.43
N LEU B 36 -8.92 40.97 19.13
CA LEU B 36 -8.82 39.53 19.40
C LEU B 36 -8.82 38.80 18.07
N ALA B 37 -7.79 38.00 17.84
CA ALA B 37 -7.41 37.61 16.50
C ALA B 37 -7.86 36.20 16.15
N CYS B 38 -8.34 36.03 14.92
CA CYS B 38 -8.79 34.74 14.44
C CYS B 38 -8.62 34.69 12.93
N ARG B 39 -7.91 33.67 12.44
CA ARG B 39 -7.70 33.49 11.01
C ARG B 39 -7.54 32.01 10.72
N ALA B 40 -8.30 31.50 9.76
CA ALA B 40 -8.23 30.09 9.40
C ALA B 40 -8.15 29.93 7.89
N ARG B 41 -7.22 29.07 7.46
CA ARG B 41 -7.07 28.75 6.05
C ARG B 41 -8.16 27.77 5.62
N ALA B 42 -8.89 28.15 4.58
CA ALA B 42 -9.96 27.36 3.98
C ALA B 42 -10.14 27.80 2.54
N SER B 43 -10.77 26.92 1.75
CA SER B 43 -11.11 27.21 0.36
C SER B 43 -12.56 26.80 0.10
N PRO B 44 -13.56 27.74 0.10
CA PRO B 44 -13.62 29.22 0.18
C PRO B 44 -13.29 29.81 1.57
N PRO B 45 -12.86 31.09 1.67
CA PRO B 45 -12.53 31.67 2.99
C PRO B 45 -13.72 31.79 3.93
N ALA B 46 -13.43 31.56 5.22
CA ALA B 46 -14.46 31.19 6.17
C ALA B 46 -15.16 32.40 6.73
N THR B 47 -16.43 32.21 7.09
CA THR B 47 -17.18 33.19 7.85
C THR B 47 -16.86 33.01 9.32
N TYR B 48 -16.57 34.12 10.00
CA TYR B 48 -16.14 34.08 11.38
C TYR B 48 -17.24 34.59 12.30
N ARG B 49 -17.64 33.76 13.24
CA ARG B 49 -18.57 34.16 14.28
C ARG B 49 -17.91 33.97 15.63
N TRP B 50 -18.18 34.88 16.55
CA TRP B 50 -17.56 34.84 17.86
C TRP B 50 -18.61 34.38 18.86
N LYS B 51 -18.18 33.59 19.84
CA LYS B 51 -18.98 33.42 21.03
C LYS B 51 -18.41 34.23 22.17
N MET B 52 -19.32 34.84 22.93
CA MET B 52 -19.03 35.50 24.20
C MET B 52 -19.94 34.90 25.24
N ASN B 53 -19.33 34.24 26.25
CA ASN B 53 -19.96 33.45 27.33
C ASN B 53 -20.89 32.35 26.81
N GLY B 54 -20.49 31.68 25.73
CA GLY B 54 -21.25 30.57 25.21
C GLY B 54 -22.28 30.88 24.16
N THR B 55 -22.85 32.09 24.18
CA THR B 55 -23.89 32.43 23.21
C THR B 55 -23.29 33.24 22.06
N GLU B 56 -24.01 33.27 20.94
CA GLU B 56 -23.57 33.93 19.73
C GLU B 56 -23.78 35.44 19.88
N MET B 57 -22.78 36.21 19.48
CA MET B 57 -22.82 37.64 19.72
C MET B 57 -23.03 38.39 18.41
N LYS B 58 -23.95 39.36 18.42
CA LYS B 58 -24.47 39.99 17.21
C LYS B 58 -23.56 41.10 16.72
N LEU B 59 -23.36 41.16 15.39
CA LEU B 59 -22.36 41.98 14.75
C LEU B 59 -22.98 42.89 13.70
N GLU B 60 -24.01 43.66 14.10
CA GLU B 60 -24.62 44.65 13.23
C GLU B 60 -23.69 45.85 13.02
N PRO B 61 -23.79 46.53 11.87
CA PRO B 61 -23.08 47.82 11.72
C PRO B 61 -23.71 48.91 12.57
N GLY B 62 -22.86 49.78 13.10
CA GLY B 62 -23.27 50.74 14.11
C GLY B 62 -23.10 50.27 15.54
N SER B 63 -22.78 49.00 15.77
CA SER B 63 -22.55 48.52 17.12
C SER B 63 -21.08 48.65 17.49
N ARG B 64 -20.77 48.31 18.74
CA ARG B 64 -19.44 48.51 19.29
C ARG B 64 -18.54 47.29 19.14
N HIS B 65 -18.94 46.30 18.36
CA HIS B 65 -18.17 45.08 18.10
C HIS B 65 -18.00 44.92 16.60
N GLN B 66 -16.77 45.12 16.12
CA GLN B 66 -16.51 45.20 14.69
C GLN B 66 -15.66 44.04 14.22
N LEU B 67 -16.10 43.36 13.16
CA LEU B 67 -15.26 42.36 12.50
C LEU B 67 -14.44 43.05 11.42
N VAL B 68 -13.14 43.21 11.67
CA VAL B 68 -12.25 43.53 10.56
C VAL B 68 -11.67 42.24 9.97
N GLY B 69 -12.47 41.60 9.12
CA GLY B 69 -12.12 40.36 8.48
C GLY B 69 -12.34 39.15 9.36
N GLY B 70 -11.39 38.88 10.24
CA GLY B 70 -11.51 37.81 11.21
C GLY B 70 -11.23 38.31 12.60
N ASN B 71 -10.59 39.48 12.66
CA ASN B 71 -10.24 40.11 13.91
C ASN B 71 -11.49 40.75 14.51
N LEU B 72 -11.63 40.66 15.82
CA LEU B 72 -12.67 41.40 16.51
C LEU B 72 -12.07 42.62 17.20
N VAL B 73 -12.60 43.79 16.88
CA VAL B 73 -12.25 45.03 17.55
C VAL B 73 -13.40 45.40 18.47
N ILE B 74 -13.11 45.49 19.76
CA ILE B 74 -14.02 45.98 20.77
C ILE B 74 -13.51 47.36 21.18
N MET B 75 -14.26 48.41 20.87
CA MET B 75 -13.93 49.73 21.36
C MET B 75 -15.01 50.22 22.33
N ASN B 76 -14.63 51.28 23.06
CA ASN B 76 -15.11 51.57 24.41
C ASN B 76 -15.27 50.36 25.35
N PRO B 77 -14.17 49.81 25.90
CA PRO B 77 -14.32 48.68 26.82
C PRO B 77 -14.49 49.09 28.28
N THR B 78 -15.35 48.35 28.98
CA THR B 78 -15.53 48.53 30.42
C THR B 78 -15.49 47.18 31.10
N LYS B 79 -15.15 47.21 32.40
CA LYS B 79 -15.12 46.01 33.23
C LYS B 79 -16.50 45.45 33.51
N ALA B 80 -17.52 46.32 33.58
CA ALA B 80 -18.88 45.89 33.85
C ALA B 80 -19.59 45.30 32.64
N GLN B 81 -19.06 45.47 31.43
CA GLN B 81 -19.70 44.92 30.25
C GLN B 81 -18.89 43.84 29.56
N ASP B 82 -17.62 44.10 29.24
CA ASP B 82 -16.86 43.27 28.32
C ASP B 82 -15.86 42.33 28.96
N ALA B 83 -15.89 42.16 30.28
CA ALA B 83 -14.97 41.24 30.93
C ALA B 83 -15.45 39.80 30.78
N GLY B 84 -14.79 39.01 29.95
CA GLY B 84 -15.34 37.69 29.67
C GLY B 84 -14.56 36.94 28.61
N VAL B 85 -15.12 35.82 28.20
CA VAL B 85 -14.45 34.84 27.35
C VAL B 85 -14.87 35.12 25.92
N TYR B 86 -13.95 34.93 24.98
CA TYR B 86 -14.21 35.12 23.56
C TYR B 86 -13.65 33.92 22.82
N GLN B 87 -14.43 33.41 21.86
CA GLN B 87 -14.15 32.11 21.26
C GLN B 87 -14.49 32.17 19.78
N CYS B 88 -13.50 32.03 18.92
CA CYS B 88 -13.73 32.24 17.51
C CYS B 88 -14.25 30.98 16.83
N LEU B 89 -15.02 31.16 15.76
CA LEU B 89 -15.55 30.06 14.98
C LEU B 89 -15.35 30.36 13.51
N ALA B 90 -14.75 29.42 12.80
CA ALA B 90 -14.56 29.53 11.36
C ALA B 90 -15.49 28.54 10.68
N SER B 91 -16.28 29.02 9.73
CA SER B 91 -17.28 28.22 9.06
C SER B 91 -17.12 28.29 7.55
N ASN B 92 -17.00 27.12 6.91
CA ASN B 92 -17.13 26.97 5.46
C ASN B 92 -18.25 25.96 5.21
N PRO B 93 -18.63 25.61 3.96
CA PRO B 93 -19.50 24.42 3.78
C PRO B 93 -18.91 23.04 4.13
N VAL B 94 -17.59 22.89 4.33
CA VAL B 94 -17.05 21.63 4.83
C VAL B 94 -17.36 21.45 6.31
N GLY B 95 -16.98 22.41 7.14
CA GLY B 95 -17.26 22.28 8.57
C GLY B 95 -17.08 23.59 9.31
N THR B 96 -17.11 23.48 10.64
CA THR B 96 -16.98 24.62 11.54
C THR B 96 -15.94 24.24 12.60
N VAL B 97 -14.94 25.09 12.80
CA VAL B 97 -13.99 24.89 13.88
C VAL B 97 -14.12 25.98 14.92
N VAL B 98 -13.78 25.60 16.16
CA VAL B 98 -13.91 26.41 17.35
C VAL B 98 -12.50 26.65 17.90
N SER B 99 -12.14 27.92 18.07
CA SER B 99 -10.80 28.27 18.52
C SER B 99 -10.65 28.10 20.02
N ARG B 100 -9.40 28.30 20.46
CA ARG B 100 -9.04 28.33 21.87
C ARG B 100 -9.60 29.58 22.51
N GLU B 101 -10.07 29.43 23.75
CA GLU B 101 -10.75 30.48 24.49
C GLU B 101 -9.78 31.59 24.93
N ALA B 102 -10.21 32.83 24.73
CA ALA B 102 -9.41 33.98 25.15
C ALA B 102 -10.15 34.76 26.21
N ILE B 103 -9.49 34.97 27.35
CA ILE B 103 -10.04 35.72 28.47
C ILE B 103 -9.67 37.19 28.29
N LEU B 104 -10.66 38.05 28.09
CA LEU B 104 -10.48 39.48 28.26
C LEU B 104 -10.75 39.84 29.70
N ARG B 105 -9.70 40.21 30.42
CA ARG B 105 -9.76 40.46 31.85
C ARG B 105 -9.19 41.84 32.12
N PHE B 106 -9.84 42.59 33.01
CA PHE B 106 -9.55 44.01 33.18
C PHE B 106 -8.73 44.22 34.45
N GLY B 107 -7.57 44.87 34.31
CA GLY B 107 -6.74 45.16 35.46
C GLY B 107 -7.28 46.36 36.23
N PHE B 108 -7.28 46.24 37.55
CA PHE B 108 -7.85 47.27 38.40
C PHE B 108 -7.06 47.29 39.71
N LEU B 109 -7.09 48.46 40.35
CA LEU B 109 -6.39 48.65 41.62
C LEU B 109 -7.19 49.66 42.42
N GLN B 110 -7.91 49.17 43.42
CA GLN B 110 -8.74 50.03 44.25
C GLN B 110 -7.89 50.81 45.24
N GLU B 111 -8.45 51.90 45.75
CA GLU B 111 -7.75 52.69 46.74
C GLU B 111 -7.90 52.08 48.13
N PHE B 112 -7.11 52.59 49.07
CA PHE B 112 -7.17 52.09 50.44
C PHE B 112 -8.32 52.74 51.21
N SER B 113 -8.53 52.24 52.43
CA SER B 113 -9.55 52.81 53.30
C SER B 113 -9.07 54.13 53.90
N LYS B 114 -9.91 55.15 53.78
CA LYS B 114 -9.57 56.50 54.20
C LYS B 114 -9.99 56.81 55.62
N GLU B 115 -10.49 55.83 56.37
CA GLU B 115 -10.88 56.06 57.75
C GLU B 115 -9.67 55.90 58.67
N GLU B 116 -9.91 56.12 59.97
CA GLU B 116 -8.84 56.10 60.95
C GLU B 116 -8.50 54.67 61.36
N ARG B 117 -7.21 54.36 61.35
CA ARG B 117 -6.70 53.07 61.79
C ARG B 117 -5.99 53.24 63.12
N ASP B 118 -6.10 52.21 63.98
CA ASP B 118 -5.62 52.27 65.35
C ASP B 118 -4.09 52.10 65.40
N PRO B 119 -3.40 52.77 66.33
CA PRO B 119 -1.96 52.52 66.51
C PRO B 119 -1.70 51.22 67.24
N VAL B 120 -0.47 50.73 67.12
CA VAL B 120 -0.04 49.47 67.70
C VAL B 120 1.05 49.75 68.73
N LYS B 121 0.80 49.30 69.97
CA LYS B 121 1.78 49.43 71.05
C LYS B 121 2.56 48.12 71.20
N ALA B 122 3.85 48.24 71.46
CA ALA B 122 4.73 47.10 71.62
C ALA B 122 5.88 47.47 72.54
N HIS B 123 6.86 46.57 72.63
CA HIS B 123 8.03 46.77 73.48
C HIS B 123 9.30 46.86 72.63
N GLU B 124 10.30 47.56 73.17
CA GLU B 124 11.58 47.65 72.49
C GLU B 124 12.38 46.37 72.68
N GLY B 125 12.83 45.79 71.56
CA GLY B 125 13.52 44.52 71.57
C GLY B 125 12.67 43.33 71.17
N TRP B 126 11.36 43.46 71.18
CA TRP B 126 10.44 42.42 70.72
C TRP B 126 9.96 42.73 69.31
N GLY B 127 9.64 41.67 68.57
CA GLY B 127 9.12 41.83 67.22
C GLY B 127 7.67 42.24 67.21
N VAL B 128 7.29 42.91 66.13
CA VAL B 128 5.93 43.45 65.98
C VAL B 128 5.42 43.05 64.61
N MET B 129 4.11 42.86 64.51
CA MET B 129 3.43 42.67 63.24
C MET B 129 2.60 43.90 62.94
N LEU B 130 2.41 44.19 61.65
CA LEU B 130 1.58 45.29 61.18
C LEU B 130 0.88 44.77 59.94
N PRO B 131 -0.43 44.47 60.01
CA PRO B 131 -1.14 44.05 58.79
C PRO B 131 -1.42 45.21 57.84
N CYS B 132 -1.23 44.94 56.55
CA CYS B 132 -1.41 45.97 55.53
C CYS B 132 -2.88 46.22 55.25
N ASN B 133 -3.68 45.14 55.30
CA ASN B 133 -5.01 45.01 54.70
C ASN B 133 -5.11 45.54 53.25
N PRO B 134 -4.60 44.80 52.26
CA PRO B 134 -4.56 45.33 50.87
C PRO B 134 -5.93 45.24 50.20
N PRO B 135 -6.21 46.10 49.22
CA PRO B 135 -7.51 46.01 48.53
C PRO B 135 -7.54 44.95 47.44
N ALA B 136 -8.67 44.91 46.73
CA ALA B 136 -8.86 43.97 45.65
C ALA B 136 -8.09 44.42 44.41
N HIS B 137 -7.58 43.45 43.67
CA HIS B 137 -6.58 43.73 42.64
C HIS B 137 -6.56 42.60 41.62
N TYR B 138 -6.03 42.93 40.44
CA TYR B 138 -5.56 41.98 39.43
C TYR B 138 -4.51 42.70 38.60
N PRO B 139 -3.31 42.13 38.40
CA PRO B 139 -2.75 40.88 38.92
C PRO B 139 -2.14 41.03 40.31
N GLY B 140 -1.22 40.13 40.67
CA GLY B 140 -0.55 40.12 41.96
C GLY B 140 0.37 41.30 42.23
N LEU B 141 0.18 41.92 43.39
CA LEU B 141 0.88 43.16 43.73
C LEU B 141 2.24 42.87 44.33
N SER B 142 3.16 43.80 44.12
CA SER B 142 4.43 43.83 44.81
C SER B 142 4.35 44.83 45.95
N TYR B 143 4.65 44.38 47.16
CA TYR B 143 4.35 45.14 48.36
C TYR B 143 5.61 45.73 48.98
N ARG B 144 5.47 46.95 49.48
CA ARG B 144 6.51 47.65 50.22
C ARG B 144 5.89 48.27 51.46
N TRP B 145 6.73 48.72 52.39
CA TRP B 145 6.25 49.51 53.51
C TRP B 145 7.15 50.73 53.67
N LEU B 146 6.69 51.67 54.49
CA LEU B 146 7.36 52.96 54.65
C LEU B 146 7.74 53.18 56.11
N LEU B 147 8.67 54.12 56.32
CA LEU B 147 8.99 54.62 57.65
C LEU B 147 8.47 56.03 57.88
N ASN B 148 8.39 56.84 56.83
CA ASN B 148 7.85 58.19 56.89
C ASN B 148 7.03 58.40 55.62
N GLU B 149 6.79 59.66 55.26
CA GLU B 149 5.97 60.02 54.11
C GLU B 149 6.67 59.74 52.78
N PHE B 150 5.89 59.83 51.70
CA PHE B 150 6.31 59.43 50.35
C PHE B 150 7.28 60.46 49.77
N PRO B 151 8.40 60.03 49.14
CA PRO B 151 8.81 58.68 48.75
C PRO B 151 10.00 57.96 49.45
N ASN B 152 10.15 58.01 50.78
CA ASN B 152 11.16 57.15 51.41
C ASN B 152 10.51 55.85 51.85
N PHE B 153 11.24 54.75 51.67
CA PHE B 153 10.69 53.43 51.93
C PHE B 153 11.26 52.86 53.21
N ILE B 154 10.90 51.61 53.50
CA ILE B 154 11.65 50.86 54.52
C ILE B 154 12.98 50.43 53.93
N PRO B 155 14.07 50.37 54.71
CA PRO B 155 15.28 49.68 54.24
C PRO B 155 15.04 48.18 54.14
N THR B 156 15.71 47.57 53.16
CA THR B 156 15.55 46.14 52.88
C THR B 156 16.58 45.26 53.58
N ASP B 157 16.73 45.46 54.89
CA ASP B 157 17.70 44.72 55.69
C ASP B 157 17.09 43.43 56.24
N GLY B 158 17.79 42.83 57.21
CA GLY B 158 17.33 41.63 57.88
C GLY B 158 16.57 41.86 59.15
N ARG B 159 16.01 43.05 59.35
CA ARG B 159 15.28 43.36 60.58
C ARG B 159 13.81 43.65 60.28
N HIS B 160 13.51 44.15 59.09
CA HIS B 160 12.15 44.44 58.66
C HIS B 160 11.86 43.66 57.39
N PHE B 161 10.67 43.07 57.31
CA PHE B 161 10.30 42.26 56.15
C PHE B 161 8.89 42.59 55.71
N VAL B 162 8.73 42.79 54.40
CA VAL B 162 7.43 42.99 53.77
C VAL B 162 7.08 41.70 53.04
N SER B 163 5.88 41.17 53.30
CA SER B 163 5.43 39.92 52.71
C SER B 163 5.06 40.10 51.25
N GLN B 164 5.33 39.08 50.43
CA GLN B 164 4.94 39.11 49.03
C GLN B 164 3.57 38.48 48.80
N THR B 165 3.05 37.76 49.78
CA THR B 165 1.76 37.09 49.64
C THR B 165 0.62 37.90 50.25
N THR B 166 0.78 38.33 51.51
CA THR B 166 -0.25 39.11 52.18
C THR B 166 0.09 40.59 52.30
N GLY B 167 1.34 40.99 52.15
CA GLY B 167 1.72 42.39 52.25
C GLY B 167 2.02 42.89 53.64
N ASN B 168 1.92 42.02 54.66
CA ASN B 168 2.03 42.48 56.04
C ASN B 168 3.49 42.67 56.45
N LEU B 169 3.74 43.73 57.22
CA LEU B 169 5.08 44.08 57.65
C LEU B 169 5.40 43.41 58.97
N TYR B 170 6.53 42.70 59.02
CA TYR B 170 6.95 42.04 60.24
C TYR B 170 8.35 42.53 60.62
N ILE B 171 8.48 42.98 61.85
CA ILE B 171 9.76 43.44 62.39
C ILE B 171 10.21 42.43 63.44
N ALA B 172 11.41 41.87 63.26
CA ALA B 172 11.90 40.83 64.16
C ALA B 172 12.39 41.43 65.48
N ARG B 173 12.95 42.64 65.44
CA ARG B 173 13.43 43.31 66.64
C ARG B 173 13.27 44.82 66.47
N THR B 174 12.54 45.44 67.38
CA THR B 174 12.35 46.88 67.34
C THR B 174 13.38 47.57 68.22
N ASN B 175 13.80 48.76 67.80
CA ASN B 175 14.68 49.59 68.61
C ASN B 175 14.24 51.04 68.51
N ALA B 176 15.14 51.96 68.90
CA ALA B 176 14.78 53.37 69.01
C ALA B 176 14.75 54.09 67.66
N SER B 177 15.31 53.50 66.60
CA SER B 177 15.31 54.15 65.29
C SER B 177 14.09 53.81 64.46
N ASP B 178 13.19 52.96 64.95
CA ASP B 178 12.04 52.52 64.17
C ASP B 178 10.80 53.37 64.38
N LEU B 179 10.89 54.47 65.12
CA LEU B 179 9.72 55.32 65.35
C LEU B 179 9.49 56.23 64.15
N GLY B 180 8.31 56.12 63.54
CA GLY B 180 8.00 56.91 62.37
C GLY B 180 6.56 56.71 61.96
N ASN B 181 6.23 57.26 60.79
CA ASN B 181 4.87 57.18 60.24
C ASN B 181 4.85 56.07 59.19
N TYR B 182 4.35 54.90 59.61
CA TYR B 182 4.33 53.71 58.76
C TYR B 182 3.16 53.77 57.77
N SER B 183 3.40 53.22 56.58
CA SER B 183 2.37 53.09 55.56
C SER B 183 2.68 51.91 54.65
N CYS B 184 1.65 51.14 54.32
CA CYS B 184 1.79 50.09 53.32
C CYS B 184 1.78 50.71 51.92
N LEU B 185 2.37 50.00 50.96
CA LEU B 185 2.41 50.45 49.58
C LEU B 185 2.34 49.22 48.68
N ALA B 186 1.65 49.39 47.55
CA ALA B 186 1.49 48.31 46.59
C ALA B 186 1.75 48.84 45.19
N THR B 187 2.34 47.99 44.36
CA THR B 187 2.64 48.33 42.98
C THR B 187 2.23 47.18 42.08
N SER B 188 1.40 47.49 41.08
CA SER B 188 0.99 46.56 40.04
C SER B 188 1.78 46.82 38.77
N HIS B 189 2.49 45.80 38.30
CA HIS B 189 3.21 45.83 37.04
C HIS B 189 2.38 45.08 36.00
N MET B 190 2.08 45.75 34.89
CA MET B 190 1.06 45.30 33.96
C MET B 190 1.69 45.44 32.57
N ASP B 191 0.98 44.99 31.52
CA ASP B 191 1.55 44.85 30.17
C ASP B 191 1.79 46.17 29.46
N PHE B 192 1.04 47.23 29.79
CA PHE B 192 1.23 48.52 29.16
C PHE B 192 1.46 49.67 30.15
N SER B 193 1.23 49.47 31.44
CA SER B 193 1.39 50.54 32.42
C SER B 193 1.84 49.94 33.75
N THR B 194 2.15 50.83 34.69
CA THR B 194 2.52 50.46 36.05
C THR B 194 1.80 51.40 37.01
N LYS B 195 1.11 50.82 37.99
CA LYS B 195 0.30 51.61 38.91
C LYS B 195 0.80 51.40 40.34
N SER B 196 0.75 52.47 41.14
CA SER B 196 1.20 52.40 42.53
C SER B 196 0.21 53.10 43.44
N VAL B 197 -0.16 52.43 44.53
CA VAL B 197 -0.98 53.01 45.59
C VAL B 197 -0.24 52.88 46.92
N PHE B 198 -0.64 53.74 47.87
CA PHE B 198 -0.07 53.72 49.21
C PHE B 198 -1.21 53.88 50.22
N SER B 199 -0.96 53.44 51.44
CA SER B 199 -2.03 53.24 52.40
C SER B 199 -2.23 54.45 53.30
N LYS B 200 -3.19 54.31 54.23
CA LYS B 200 -3.38 55.25 55.32
C LYS B 200 -2.24 55.11 56.31
N PHE B 201 -1.86 56.22 56.94
CA PHE B 201 -0.68 56.30 57.79
C PHE B 201 -0.91 55.63 59.14
N ALA B 202 0.13 54.98 59.64
CA ALA B 202 0.07 54.21 60.88
C ALA B 202 1.07 54.78 61.87
N GLN B 203 0.99 54.29 63.10
CA GLN B 203 1.84 54.73 64.19
C GLN B 203 2.20 53.55 65.08
N LEU B 204 3.48 53.39 65.37
CA LEU B 204 3.97 52.37 66.27
C LEU B 204 4.46 53.02 67.55
N ASN B 205 3.89 52.62 68.68
CA ASN B 205 4.29 53.11 69.99
C ASN B 205 5.11 52.02 70.68
N LEU B 206 6.23 52.42 71.28
CA LEU B 206 7.17 51.48 71.87
C LEU B 206 7.38 51.80 73.35
N ALA B 207 7.44 50.75 74.16
CA ALA B 207 7.70 50.84 75.59
C ALA B 207 9.20 50.74 75.87
N ALA B 208 9.52 50.49 77.14
CA ALA B 208 10.91 50.34 77.56
C ALA B 208 11.49 49.00 77.13
N GLU B 209 12.82 48.92 77.14
CA GLU B 209 13.52 47.79 76.55
C GLU B 209 13.54 46.59 77.48
N ASP B 210 13.14 45.44 76.95
CA ASP B 210 13.25 44.17 77.66
C ASP B 210 14.60 43.56 77.30
N THR B 211 15.52 43.52 78.27
CA THR B 211 16.87 43.05 78.03
C THR B 211 16.99 41.55 78.24
N ARG B 212 16.38 40.76 77.36
CA ARG B 212 16.44 39.31 77.41
C ARG B 212 16.58 38.75 76.01
N LEU B 213 17.10 37.53 75.93
CA LEU B 213 17.17 36.78 74.69
C LEU B 213 16.19 35.61 74.74
N PHE B 214 15.42 35.44 73.67
CA PHE B 214 14.30 34.52 73.72
C PHE B 214 14.25 33.65 72.48
N ALA B 215 13.41 32.62 72.53
CA ALA B 215 13.22 31.69 71.43
C ALA B 215 12.40 32.34 70.31
N PRO B 216 12.66 32.01 69.04
CA PRO B 216 11.86 32.59 67.95
C PRO B 216 10.50 31.92 67.82
N SER B 217 9.60 32.61 67.12
CA SER B 217 8.30 32.07 66.76
C SER B 217 7.99 32.53 65.35
N ILE B 218 7.57 31.61 64.49
CA ILE B 218 7.36 31.92 63.08
C ILE B 218 5.99 32.56 62.91
N LYS B 219 5.97 33.78 62.38
CA LYS B 219 4.73 34.54 62.17
C LYS B 219 4.33 34.62 60.71
N ALA B 220 5.25 34.93 59.81
CA ALA B 220 4.98 34.94 58.38
C ALA B 220 5.20 33.54 57.83
N ARG B 221 4.11 32.87 57.46
CA ARG B 221 4.15 31.45 57.12
C ARG B 221 3.74 31.23 55.68
N PHE B 222 4.54 30.43 54.97
CA PHE B 222 4.14 29.91 53.67
C PHE B 222 3.07 28.83 53.88
N PRO B 223 2.10 28.69 52.95
CA PRO B 223 0.94 27.81 53.23
C PRO B 223 1.24 26.33 53.07
N ALA B 224 0.23 25.51 53.41
CA ALA B 224 0.42 24.07 53.57
C ALA B 224 0.49 23.35 52.23
N GLU B 225 -0.30 23.80 51.25
CA GLU B 225 -0.23 23.26 49.90
C GLU B 225 -0.05 24.41 48.93
N THR B 226 1.03 24.39 48.16
CA THR B 226 1.28 25.37 47.12
C THR B 226 1.24 24.67 45.78
N TYR B 227 0.16 24.86 45.03
CA TYR B 227 -0.06 24.17 43.77
C TYR B 227 0.68 24.95 42.69
N ALA B 228 1.87 24.48 42.34
CA ALA B 228 2.69 25.14 41.35
C ALA B 228 2.31 24.67 39.95
N LEU B 229 2.96 25.28 38.97
CA LEU B 229 2.91 24.82 37.59
C LEU B 229 4.33 24.64 37.10
N VAL B 230 4.47 24.08 35.90
CA VAL B 230 5.82 23.91 35.36
C VAL B 230 6.27 25.23 34.73
N GLY B 231 7.54 25.56 34.91
CA GLY B 231 8.11 26.77 34.38
C GLY B 231 7.80 28.06 35.11
N GLN B 232 7.20 27.99 36.30
CA GLN B 232 6.76 29.19 37.00
C GLN B 232 7.52 29.38 38.31
N GLN B 233 7.85 30.63 38.61
CA GLN B 233 8.64 30.96 39.79
C GLN B 233 7.78 30.94 41.05
N VAL B 234 8.23 30.21 42.07
CA VAL B 234 7.47 29.95 43.29
C VAL B 234 8.22 30.54 44.47
N THR B 235 7.55 31.43 45.22
CA THR B 235 8.14 32.03 46.42
C THR B 235 7.47 31.49 47.68
N LEU B 236 8.27 31.32 48.73
CA LEU B 236 7.83 30.87 50.05
C LEU B 236 8.45 31.76 51.10
N GLU B 237 7.73 31.98 52.21
CA GLU B 237 8.16 32.89 53.27
C GLU B 237 8.22 32.18 54.61
N CYS B 238 9.30 32.42 55.37
CA CYS B 238 9.43 31.86 56.71
C CYS B 238 10.08 32.90 57.64
N PHE B 239 9.58 34.13 57.61
CA PHE B 239 10.11 35.17 58.50
C PHE B 239 9.58 35.00 59.92
N ALA B 240 10.40 35.36 60.90
CA ALA B 240 10.10 35.11 62.30
C ALA B 240 10.62 36.24 63.17
N PHE B 241 10.17 36.26 64.43
CA PHE B 241 10.62 37.22 65.42
C PHE B 241 11.91 36.73 66.06
N GLY B 242 12.50 37.58 66.90
CA GLY B 242 13.63 37.13 67.70
C GLY B 242 14.61 38.18 68.18
N ASN B 243 15.24 37.91 69.31
CA ASN B 243 16.40 38.63 69.81
C ASN B 243 17.47 37.60 70.18
N PRO B 244 18.56 37.43 69.38
CA PRO B 244 18.97 38.09 68.13
C PRO B 244 18.26 37.62 66.87
N VAL B 245 18.72 38.10 65.71
CA VAL B 245 18.04 37.84 64.43
C VAL B 245 18.32 36.40 63.99
N PRO B 246 17.29 35.57 63.78
CA PRO B 246 17.54 34.13 63.58
C PRO B 246 17.90 33.82 62.13
N ARG B 247 18.79 32.84 61.98
CA ARG B 247 19.11 32.31 60.66
C ARG B 247 17.97 31.41 60.18
N ILE B 248 17.68 31.48 58.90
CA ILE B 248 16.57 30.74 58.30
C ILE B 248 17.14 29.62 57.44
N LYS B 249 16.66 28.40 57.69
CA LYS B 249 17.12 27.21 57.01
C LYS B 249 15.93 26.57 56.30
N TRP B 250 16.16 26.12 55.07
CA TRP B 250 15.15 25.44 54.27
C TRP B 250 15.65 24.05 53.95
N ARG B 251 14.77 23.06 54.05
CA ARG B 251 15.13 21.70 53.69
C ARG B 251 13.90 20.97 53.16
N LYS B 252 14.15 19.84 52.50
CA LYS B 252 13.10 18.98 51.97
C LYS B 252 12.95 17.76 52.88
N VAL B 253 11.71 17.44 53.24
CA VAL B 253 11.47 16.34 54.16
C VAL B 253 11.56 14.99 53.43
N ASP B 254 10.92 14.87 52.27
CA ASP B 254 10.91 13.64 51.50
C ASP B 254 11.92 13.68 50.35
N GLY B 255 13.06 14.34 50.55
CA GLY B 255 14.08 14.43 49.53
C GLY B 255 15.17 15.42 49.88
N SER B 256 15.83 15.97 48.86
CA SER B 256 16.89 16.95 49.06
C SER B 256 16.71 18.11 48.09
N LEU B 257 17.23 19.27 48.49
CA LEU B 257 17.11 20.46 47.66
C LEU B 257 18.15 20.44 46.53
N SER B 258 17.79 21.07 45.42
CA SER B 258 18.73 21.30 44.34
C SER B 258 19.67 22.44 44.74
N PRO B 259 20.99 22.35 44.49
CA PRO B 259 21.92 23.34 45.06
C PRO B 259 22.08 24.62 44.24
N GLN B 260 21.29 24.84 43.19
CA GLN B 260 21.42 26.06 42.40
C GLN B 260 20.73 27.26 43.08
N TRP B 261 19.80 27.01 44.01
CA TRP B 261 19.06 28.09 44.63
C TRP B 261 18.95 28.00 46.15
N THR B 262 19.87 27.32 46.83
CA THR B 262 19.85 27.26 48.28
C THR B 262 20.42 28.54 48.88
N THR B 263 19.59 29.26 49.63
CA THR B 263 20.01 30.48 50.30
C THR B 263 19.65 30.40 51.78
N ALA B 264 20.40 31.15 52.59
CA ALA B 264 20.10 31.31 54.00
C ALA B 264 19.31 32.61 54.17
N GLU B 265 18.07 32.57 53.70
CA GLU B 265 17.22 33.73 53.57
C GLU B 265 15.83 33.38 54.10
N PRO B 266 15.06 34.36 54.59
CA PRO B 266 13.65 34.08 54.94
C PRO B 266 12.71 33.90 53.76
N THR B 267 13.10 34.35 52.57
CA THR B 267 12.29 34.18 51.37
C THR B 267 13.03 33.21 50.45
N LEU B 268 12.38 32.09 50.11
CA LEU B 268 12.92 31.13 49.18
C LEU B 268 12.20 31.27 47.85
N GLN B 269 12.94 31.66 46.81
CA GLN B 269 12.40 31.83 45.48
C GLN B 269 13.03 30.81 44.54
N ILE B 270 12.19 29.99 43.92
CA ILE B 270 12.62 28.98 42.97
C ILE B 270 12.19 29.43 41.58
N PRO B 271 13.12 29.72 40.65
CA PRO B 271 12.73 30.33 39.38
C PRO B 271 12.16 29.36 38.36
N SER B 272 12.68 28.13 38.29
CA SER B 272 12.19 27.17 37.31
C SER B 272 11.76 25.91 38.05
N VAL B 273 10.44 25.69 38.14
CA VAL B 273 9.91 24.57 38.89
C VAL B 273 9.58 23.43 37.93
N SER B 274 10.19 22.27 38.17
CA SER B 274 9.92 21.05 37.43
C SER B 274 9.33 20.05 38.40
N PHE B 275 9.24 18.78 37.98
CA PHE B 275 8.53 17.77 38.77
C PHE B 275 9.35 17.19 39.92
N GLU B 276 10.63 17.54 40.06
CA GLU B 276 11.41 17.13 41.22
C GLU B 276 11.22 18.06 42.43
N ASP B 277 10.52 19.18 42.23
CA ASP B 277 10.24 20.18 43.25
C ASP B 277 8.99 19.80 44.05
N GLU B 278 8.22 18.81 43.58
CA GLU B 278 7.04 18.31 44.28
C GLU B 278 7.43 17.49 45.51
N GLY B 279 6.93 17.92 46.66
CA GLY B 279 7.22 17.21 47.89
C GLY B 279 6.98 18.09 49.11
N THR B 280 7.51 17.62 50.23
CA THR B 280 7.28 18.21 51.55
C THR B 280 8.49 19.05 51.94
N TYR B 281 8.24 20.29 52.37
CA TYR B 281 9.26 21.27 52.68
C TYR B 281 9.17 21.66 54.15
N GLU B 282 10.32 21.96 54.75
CA GLU B 282 10.40 22.39 56.13
C GLU B 282 11.28 23.62 56.23
N CYS B 283 10.79 24.66 56.91
CA CYS B 283 11.57 25.86 57.14
C CYS B 283 11.78 26.07 58.64
N GLU B 284 12.87 26.77 58.95
CA GLU B 284 13.47 26.76 60.28
C GLU B 284 14.03 28.15 60.61
N ALA B 285 13.66 28.66 61.78
CA ALA B 285 14.29 29.86 62.34
C ALA B 285 15.09 29.44 63.55
N GLU B 286 16.37 29.80 63.57
CA GLU B 286 17.28 29.31 64.60
C GLU B 286 18.23 30.42 65.07
N ASN B 287 18.29 30.62 66.38
CA ASN B 287 19.38 31.37 66.99
C ASN B 287 19.88 30.59 68.21
N SER B 288 20.71 31.26 69.01
CA SER B 288 21.44 30.63 70.12
C SER B 288 20.57 30.27 71.32
N LYS B 289 19.35 30.80 71.42
CA LYS B 289 18.39 30.33 72.41
C LYS B 289 17.41 29.29 71.87
N GLY B 290 17.46 28.95 70.58
CA GLY B 290 16.67 27.83 70.12
C GLY B 290 16.16 28.00 68.69
N ARG B 291 15.24 27.12 68.33
CA ARG B 291 14.85 26.89 66.95
C ARG B 291 13.34 26.65 66.86
N ASP B 292 12.81 26.83 65.65
CA ASP B 292 11.41 26.58 65.35
C ASP B 292 11.27 26.16 63.90
N THR B 293 10.41 25.16 63.65
CA THR B 293 10.23 24.60 62.32
C THR B 293 8.74 24.52 61.99
N VAL B 294 8.41 24.78 60.72
CA VAL B 294 7.05 24.56 60.22
C VAL B 294 7.15 24.07 58.76
N GLN B 295 6.16 23.28 58.35
CA GLN B 295 6.22 22.50 57.11
C GLN B 295 5.10 22.87 56.15
N GLY B 296 5.26 22.43 54.90
CA GLY B 296 4.29 22.60 53.84
C GLY B 296 4.58 21.65 52.70
N ARG B 297 3.85 21.83 51.60
CA ARG B 297 3.95 20.92 50.45
C ARG B 297 3.84 21.72 49.16
N ILE B 298 4.65 21.34 48.16
CA ILE B 298 4.55 21.92 46.81
C ILE B 298 4.17 20.80 45.85
N ILE B 299 3.01 20.96 45.19
CA ILE B 299 2.47 20.02 44.22
C ILE B 299 2.65 20.65 42.85
N VAL B 300 3.40 19.98 41.98
CA VAL B 300 3.70 20.50 40.66
C VAL B 300 2.71 19.93 39.67
N GLN B 301 1.95 20.82 39.04
CA GLN B 301 0.87 20.47 38.13
C GLN B 301 1.28 20.87 36.72
N ALA B 302 0.44 20.59 35.74
CA ALA B 302 0.81 20.86 34.36
C ALA B 302 -0.38 21.30 33.53
N GLN B 303 -0.09 21.94 32.40
CA GLN B 303 -1.06 22.15 31.33
C GLN B 303 -1.32 20.84 30.57
N PRO B 304 -2.44 20.74 29.84
CA PRO B 304 -2.52 19.73 28.80
C PRO B 304 -1.58 20.03 27.65
N GLU B 305 -0.81 19.02 27.28
CA GLU B 305 -0.09 18.98 26.01
C GLU B 305 -0.62 17.74 25.31
N TRP B 306 -0.60 17.75 23.99
CA TRP B 306 -1.10 16.62 23.25
C TRP B 306 0.02 15.60 23.08
N LEU B 307 -0.33 14.32 23.07
CA LEU B 307 0.62 13.27 22.77
C LEU B 307 0.40 12.70 21.39
N LYS B 308 -0.86 12.68 20.97
CA LYS B 308 -1.27 12.01 19.75
C LYS B 308 -2.57 12.68 19.33
N VAL B 309 -2.57 13.33 18.17
CA VAL B 309 -3.76 14.00 17.68
C VAL B 309 -4.29 13.31 16.45
N ILE B 310 -5.44 13.82 16.02
CA ILE B 310 -6.12 13.34 14.86
C ILE B 310 -5.71 14.13 13.61
N SER B 311 -5.80 13.47 12.47
CA SER B 311 -5.32 14.04 11.22
C SER B 311 -6.42 13.96 10.18
N ASP B 312 -6.16 14.60 9.04
CA ASP B 312 -7.15 14.76 7.98
C ASP B 312 -7.32 13.47 7.19
N THR B 313 -8.50 12.87 7.30
CA THR B 313 -8.72 11.52 6.86
C THR B 313 -9.79 11.47 5.78
N GLU B 314 -9.42 10.94 4.62
CA GLU B 314 -10.37 10.53 3.60
C GLU B 314 -10.73 9.07 3.86
N ALA B 315 -12.02 8.82 4.07
CA ALA B 315 -12.46 7.48 4.43
C ALA B 315 -13.68 7.12 3.61
N ASP B 316 -13.90 5.82 3.45
CA ASP B 316 -14.96 5.32 2.60
C ASP B 316 -16.30 5.33 3.34
N ILE B 317 -17.38 5.15 2.58
CA ILE B 317 -18.69 4.99 3.18
C ILE B 317 -18.82 3.57 3.70
N GLY B 318 -19.13 3.46 5.00
CA GLY B 318 -19.40 2.16 5.59
C GLY B 318 -18.24 1.51 6.30
N SER B 319 -17.05 2.11 6.26
CA SER B 319 -15.90 1.53 6.92
C SER B 319 -15.92 1.86 8.41
N ASN B 320 -15.34 0.96 9.20
CA ASN B 320 -14.99 1.25 10.59
C ASN B 320 -13.84 2.25 10.62
N LEU B 321 -13.86 3.12 11.63
CA LEU B 321 -12.78 4.08 11.79
C LEU B 321 -12.56 4.42 13.26
N ARG B 322 -11.32 4.28 13.72
CA ARG B 322 -10.95 4.65 15.08
C ARG B 322 -9.99 5.83 15.02
N TRP B 323 -10.34 6.93 15.68
CA TRP B 323 -9.41 8.02 15.93
C TRP B 323 -9.07 8.12 17.40
N GLY B 324 -7.78 7.97 17.71
CA GLY B 324 -7.29 8.18 19.06
C GLY B 324 -6.87 9.63 19.23
N CYS B 325 -7.10 10.15 20.43
CA CYS B 325 -6.66 11.48 20.79
C CYS B 325 -6.35 11.50 22.28
N ALA B 326 -5.11 11.83 22.62
CA ALA B 326 -4.66 11.67 23.99
C ALA B 326 -3.83 12.86 24.43
N ALA B 327 -3.95 13.20 25.70
CA ALA B 327 -3.29 14.36 26.28
C ALA B 327 -2.55 13.98 27.56
N ALA B 328 -1.41 14.63 27.76
CA ALA B 328 -0.67 14.52 29.00
C ALA B 328 -0.84 15.79 29.81
N GLY B 329 -0.84 15.62 31.11
CA GLY B 329 -0.92 16.75 32.02
C GLY B 329 -1.35 16.28 33.39
N LYS B 330 -0.90 17.00 34.39
CA LYS B 330 -1.36 16.76 35.74
C LYS B 330 -2.16 18.01 36.16
N PRO B 331 -3.49 17.91 36.47
CA PRO B 331 -4.42 16.78 36.59
C PRO B 331 -4.89 16.19 35.27
N ARG B 332 -5.21 14.90 35.28
CA ARG B 332 -5.19 14.11 34.05
C ARG B 332 -6.46 14.33 33.23
N PRO B 333 -6.33 14.61 31.93
CA PRO B 333 -7.37 15.38 31.24
C PRO B 333 -8.51 14.51 30.73
N THR B 334 -9.72 15.00 30.95
CA THR B 334 -10.90 14.45 30.30
C THR B 334 -10.91 15.00 28.89
N VAL B 335 -11.05 14.11 27.91
CA VAL B 335 -10.99 14.51 26.51
C VAL B 335 -12.38 14.40 25.89
N ARG B 336 -12.87 15.51 25.34
CA ARG B 336 -14.24 15.64 24.87
C ARG B 336 -14.16 15.87 23.36
N TRP B 337 -15.22 15.54 22.63
CA TRP B 337 -15.20 15.60 21.17
C TRP B 337 -16.26 16.56 20.64
N LEU B 338 -15.97 17.19 19.51
CA LEU B 338 -16.86 18.16 18.88
C LEU B 338 -17.08 17.84 17.41
N ARG B 339 -18.33 17.99 16.96
CA ARG B 339 -18.64 18.17 15.56
C ARG B 339 -19.22 19.56 15.39
N ASN B 340 -18.48 20.43 14.69
CA ASN B 340 -18.95 21.67 14.04
C ASN B 340 -19.44 22.74 15.03
N GLY B 341 -18.90 22.72 16.24
CA GLY B 341 -19.32 23.65 17.27
C GLY B 341 -20.28 23.12 18.31
N GLU B 342 -20.98 22.00 18.06
CA GLU B 342 -21.84 21.41 19.05
C GLU B 342 -21.13 20.18 19.61
N PRO B 343 -21.31 19.83 20.91
CA PRO B 343 -20.60 18.67 21.45
C PRO B 343 -21.21 17.35 21.02
N LEU B 344 -20.33 16.41 20.70
CA LEU B 344 -20.67 15.11 20.15
C LEU B 344 -20.79 14.09 21.28
N ALA B 345 -22.02 13.61 21.48
CA ALA B 345 -22.25 12.49 22.38
C ALA B 345 -22.23 11.18 21.58
N SER B 346 -22.69 10.11 22.23
CA SER B 346 -22.87 8.84 21.54
C SER B 346 -24.11 8.90 20.67
N GLN B 347 -24.03 8.30 19.48
CA GLN B 347 -25.07 8.42 18.47
C GLN B 347 -25.38 7.04 17.91
N ASN B 348 -26.09 7.04 16.77
CA ASN B 348 -26.51 5.78 16.15
C ASN B 348 -25.37 5.07 15.44
N ARG B 349 -24.32 5.78 15.05
CA ARG B 349 -23.18 5.17 14.39
C ARG B 349 -21.84 5.70 14.91
N VAL B 350 -21.86 6.63 15.86
CA VAL B 350 -20.68 7.36 16.31
C VAL B 350 -20.52 7.10 17.81
N GLU B 351 -19.37 6.55 18.21
CA GLU B 351 -19.12 6.17 19.60
C GLU B 351 -18.01 7.02 20.19
N VAL B 352 -18.32 7.75 21.27
CA VAL B 352 -17.35 8.53 22.03
C VAL B 352 -17.19 7.83 23.37
N LEU B 353 -15.95 7.52 23.74
CA LEU B 353 -15.66 6.77 24.95
C LEU B 353 -14.87 7.68 25.91
N ALA B 354 -15.03 9.00 25.69
CA ALA B 354 -14.22 10.12 26.22
C ALA B 354 -12.72 9.88 26.03
N GLY B 355 -12.32 9.81 24.77
CA GLY B 355 -11.07 9.20 24.39
C GLY B 355 -11.06 8.98 22.90
N ASP B 356 -10.88 7.72 22.50
CA ASP B 356 -10.95 7.34 21.11
C ASP B 356 -12.38 7.39 20.59
N LEU B 357 -12.51 7.69 19.30
CA LEU B 357 -13.77 7.93 18.63
C LEU B 357 -13.95 6.89 17.53
N ARG B 358 -15.07 6.17 17.56
CA ARG B 358 -15.29 5.01 16.71
C ARG B 358 -16.46 5.26 15.77
N PHE B 359 -16.25 4.98 14.49
CA PHE B 359 -17.32 4.97 13.50
C PHE B 359 -17.56 3.53 13.08
N SER B 360 -18.80 3.07 13.20
CA SER B 360 -19.13 1.71 12.78
C SER B 360 -19.34 1.65 11.27
N LYS B 361 -20.36 2.35 10.77
CA LYS B 361 -20.60 2.44 9.34
C LYS B 361 -20.72 3.91 9.00
N LEU B 362 -19.76 4.43 8.23
CA LEU B 362 -19.71 5.84 7.90
C LEU B 362 -20.74 6.18 6.83
N SER B 363 -21.08 7.46 6.75
CA SER B 363 -22.02 7.95 5.76
C SER B 363 -21.65 9.37 5.39
N LEU B 364 -22.49 9.98 4.54
CA LEU B 364 -22.20 11.33 4.05
C LEU B 364 -22.60 12.42 5.03
N GLU B 365 -23.37 12.08 6.07
CA GLU B 365 -23.65 13.02 7.15
C GLU B 365 -22.46 13.20 8.08
N ASP B 366 -21.55 12.24 8.13
CA ASP B 366 -20.40 12.27 9.05
C ASP B 366 -19.18 12.97 8.47
N SER B 367 -19.27 13.59 7.30
CA SER B 367 -18.17 14.41 6.82
C SER B 367 -18.21 15.78 7.50
N GLY B 368 -17.05 16.29 7.82
CA GLY B 368 -16.96 17.59 8.45
C GLY B 368 -15.73 17.70 9.33
N MET B 369 -15.66 18.79 10.07
CA MET B 369 -14.53 19.07 10.95
C MET B 369 -14.84 18.49 12.32
N TYR B 370 -13.92 17.72 12.85
CA TYR B 370 -14.04 17.10 14.15
C TYR B 370 -12.94 17.62 15.03
N GLN B 371 -13.31 17.99 16.24
CA GLN B 371 -12.35 18.61 17.13
C GLN B 371 -12.21 17.81 18.40
N CYS B 372 -11.00 17.81 18.92
CA CYS B 372 -10.64 17.07 20.10
C CYS B 372 -10.28 18.09 21.15
N VAL B 373 -10.95 18.05 22.30
CA VAL B 373 -10.78 18.99 23.39
C VAL B 373 -10.11 18.26 24.55
N ALA B 374 -9.02 18.82 25.06
CA ALA B 374 -8.47 18.38 26.33
C ALA B 374 -8.70 19.47 27.36
N GLU B 375 -9.29 19.09 28.49
CA GLU B 375 -9.66 20.09 29.47
C GLU B 375 -9.33 19.59 30.87
N ASN B 376 -8.53 20.36 31.59
CA ASN B 376 -8.55 20.29 33.04
C ASN B 376 -8.70 21.70 33.58
N LYS B 377 -8.52 21.83 34.89
CA LYS B 377 -8.69 23.11 35.57
C LYS B 377 -7.51 24.06 35.38
N HIS B 378 -6.38 23.59 34.84
CA HIS B 378 -5.31 24.47 34.38
C HIS B 378 -5.43 24.87 32.92
N GLY B 379 -6.42 24.36 32.18
CA GLY B 379 -6.61 24.87 30.84
C GLY B 379 -7.16 23.84 29.89
N THR B 380 -7.50 24.33 28.70
CA THR B 380 -8.11 23.55 27.65
C THR B 380 -7.44 23.83 26.32
N ILE B 381 -7.23 22.77 25.53
CA ILE B 381 -6.58 22.84 24.23
C ILE B 381 -7.38 22.02 23.22
N TYR B 382 -7.17 22.33 21.93
CA TYR B 382 -8.01 21.84 20.84
C TYR B 382 -7.16 21.27 19.72
N ALA B 383 -7.76 20.35 18.95
CA ALA B 383 -7.13 19.81 17.75
C ALA B 383 -8.19 19.47 16.72
N SER B 384 -8.01 19.92 15.48
CA SER B 384 -9.04 19.84 14.46
C SER B 384 -8.61 18.88 13.36
N ALA B 385 -9.59 18.14 12.81
CA ALA B 385 -9.30 17.28 11.66
C ALA B 385 -10.50 17.19 10.75
N GLU B 386 -10.24 17.18 9.45
CA GLU B 386 -11.28 17.00 8.47
C GLU B 386 -11.53 15.52 8.25
N LEU B 387 -12.79 15.10 8.30
CA LEU B 387 -13.16 13.77 7.87
C LEU B 387 -13.97 13.92 6.58
N ALA B 388 -13.37 13.48 5.47
CA ALA B 388 -14.00 13.49 4.17
C ALA B 388 -14.44 12.07 3.87
N VAL B 389 -15.73 11.81 4.04
CA VAL B 389 -16.27 10.51 3.69
C VAL B 389 -16.66 10.55 2.22
N GLN B 390 -16.00 9.73 1.42
CA GLN B 390 -16.03 9.85 -0.03
C GLN B 390 -16.87 8.75 -0.66
N ALA B 391 -17.65 9.14 -1.67
CA ALA B 391 -18.33 8.20 -2.54
C ALA B 391 -17.53 8.05 -3.82
N LEU B 392 -17.22 6.80 -4.18
CA LEU B 392 -16.36 6.54 -5.32
C LEU B 392 -17.03 5.56 -6.27
N ALA B 393 -16.83 5.80 -7.56
CA ALA B 393 -17.22 4.84 -8.58
C ALA B 393 -16.21 3.69 -8.60
N PRO B 394 -16.60 2.47 -9.08
CA PRO B 394 -15.61 1.41 -9.31
C PRO B 394 -14.66 1.71 -10.46
N ASP B 395 -13.37 1.72 -10.15
CA ASP B 395 -12.33 2.04 -11.13
C ASP B 395 -11.41 0.84 -11.24
N PHE B 396 -11.30 0.28 -12.43
CA PHE B 396 -10.43 -0.86 -12.67
C PHE B 396 -9.11 -0.45 -13.31
N ARG B 397 -8.75 0.83 -13.24
CA ARG B 397 -7.49 1.30 -13.80
C ARG B 397 -6.32 0.94 -12.90
N LEU B 398 -6.54 0.95 -11.57
CA LEU B 398 -5.46 0.71 -10.62
C LEU B 398 -5.30 -0.76 -10.23
N ASN B 399 -6.41 -1.50 -10.10
CA ASN B 399 -6.37 -2.91 -9.69
C ASN B 399 -7.46 -3.67 -10.42
N PRO B 400 -7.17 -4.17 -11.64
CA PRO B 400 -8.21 -4.84 -12.42
C PRO B 400 -8.30 -6.33 -12.07
N VAL B 401 -9.28 -6.97 -12.71
CA VAL B 401 -9.25 -8.41 -12.92
C VAL B 401 -8.11 -8.64 -13.90
N ARG B 402 -7.22 -9.58 -13.58
CA ARG B 402 -6.03 -9.92 -14.35
C ARG B 402 -6.36 -10.49 -15.73
N ARG B 403 -5.58 -10.03 -16.72
CA ARG B 403 -6.06 -9.88 -18.09
C ARG B 403 -6.07 -11.20 -18.84
N LEU B 404 -4.92 -11.87 -18.91
CA LEU B 404 -4.78 -13.13 -19.62
C LEU B 404 -4.45 -14.23 -18.61
N ILE B 405 -5.48 -14.93 -18.17
CA ILE B 405 -5.46 -15.87 -17.04
C ILE B 405 -4.93 -17.21 -17.54
N PRO B 406 -3.89 -17.78 -16.90
CA PRO B 406 -3.63 -19.21 -17.05
C PRO B 406 -4.37 -20.04 -16.01
N ALA B 407 -4.66 -21.29 -16.35
CA ALA B 407 -5.27 -22.21 -15.42
C ALA B 407 -4.75 -23.61 -15.71
N ALA B 408 -4.62 -24.41 -14.66
CA ALA B 408 -4.22 -25.80 -14.83
C ALA B 408 -5.44 -26.63 -15.18
N ARG B 409 -5.23 -27.71 -15.91
CA ARG B 409 -6.31 -28.63 -16.19
C ARG B 409 -6.56 -29.50 -14.96
N GLY B 410 -7.76 -29.38 -14.40
CA GLY B 410 -8.12 -30.14 -13.22
C GLY B 410 -7.64 -29.56 -11.91
N GLY B 411 -7.07 -28.36 -11.91
CA GLY B 411 -6.61 -27.75 -10.69
C GLY B 411 -7.64 -26.84 -10.06
N GLU B 412 -7.19 -25.68 -9.57
CA GLU B 412 -8.02 -24.77 -8.82
C GLU B 412 -7.50 -23.36 -9.00
N ILE B 413 -8.39 -22.44 -9.36
CA ILE B 413 -8.01 -21.04 -9.48
C ILE B 413 -8.94 -20.16 -8.65
N LEU B 414 -8.39 -18.99 -8.31
CA LEU B 414 -9.09 -17.90 -7.67
C LEU B 414 -8.84 -16.66 -8.50
N ILE B 415 -9.91 -16.03 -8.99
CA ILE B 415 -9.82 -14.77 -9.71
C ILE B 415 -10.40 -13.68 -8.83
N PRO B 416 -9.59 -12.77 -8.23
CA PRO B 416 -10.17 -11.64 -7.50
C PRO B 416 -10.75 -10.57 -8.40
N CYS B 417 -11.97 -10.12 -8.10
CA CYS B 417 -12.49 -8.88 -8.64
C CYS B 417 -12.57 -7.88 -7.49
N GLN B 418 -11.48 -7.16 -7.24
CA GLN B 418 -11.43 -6.16 -6.18
C GLN B 418 -11.18 -4.79 -6.82
N PRO B 419 -12.23 -4.04 -7.14
CA PRO B 419 -12.03 -2.68 -7.65
C PRO B 419 -11.81 -1.68 -6.53
N ARG B 420 -11.37 -0.49 -6.93
CA ARG B 420 -11.33 0.64 -6.00
C ARG B 420 -12.73 1.24 -5.92
N ALA B 421 -13.44 0.96 -4.83
CA ALA B 421 -14.84 1.34 -4.72
C ALA B 421 -15.15 1.76 -3.29
N ALA B 422 -15.95 2.81 -3.17
CA ALA B 422 -16.50 3.28 -1.90
C ALA B 422 -17.99 3.50 -2.09
N PRO B 423 -18.87 2.65 -1.51
CA PRO B 423 -18.67 1.52 -0.60
C PRO B 423 -18.32 0.20 -1.28
N LYS B 424 -18.57 -0.91 -0.57
CA LYS B 424 -18.26 -2.25 -1.06
C LYS B 424 -19.22 -2.67 -2.16
N ALA B 425 -18.68 -2.86 -3.36
CA ALA B 425 -19.49 -3.06 -4.55
C ALA B 425 -19.99 -4.49 -4.64
N VAL B 426 -21.19 -4.64 -5.18
CA VAL B 426 -21.73 -5.96 -5.48
C VAL B 426 -21.03 -6.50 -6.72
N VAL B 427 -20.44 -7.69 -6.59
CA VAL B 427 -19.69 -8.33 -7.65
C VAL B 427 -20.60 -9.38 -8.27
N LEU B 428 -20.85 -9.24 -9.58
CA LEU B 428 -21.67 -10.18 -10.34
C LEU B 428 -20.77 -10.72 -11.45
N TRP B 429 -20.40 -11.98 -11.34
CA TRP B 429 -19.48 -12.57 -12.30
C TRP B 429 -20.25 -13.12 -13.49
N SER B 430 -19.59 -13.16 -14.64
CA SER B 430 -20.21 -13.72 -15.83
C SER B 430 -19.16 -14.40 -16.69
N LYS B 431 -19.60 -15.39 -17.46
CA LYS B 431 -18.80 -16.00 -18.52
C LYS B 431 -19.51 -15.77 -19.83
N GLY B 432 -18.99 -14.84 -20.62
CA GLY B 432 -19.68 -14.43 -21.83
C GLY B 432 -20.87 -13.55 -21.53
N THR B 433 -22.08 -14.09 -21.69
CA THR B 433 -23.31 -13.38 -21.38
C THR B 433 -24.10 -14.03 -20.25
N GLU B 434 -23.66 -15.18 -19.74
CA GLU B 434 -24.41 -15.92 -18.73
C GLU B 434 -23.77 -15.71 -17.36
N ILE B 435 -24.62 -15.42 -16.37
CA ILE B 435 -24.17 -14.99 -15.05
C ILE B 435 -23.92 -16.21 -14.17
N LEU B 436 -22.73 -16.28 -13.58
CA LEU B 436 -22.31 -17.43 -12.79
C LEU B 436 -22.96 -17.43 -11.41
N VAL B 437 -23.51 -18.57 -11.01
CA VAL B 437 -24.20 -18.83 -9.75
C VAL B 437 -23.21 -19.67 -8.95
N ASN B 438 -23.34 -19.72 -7.61
CA ASN B 438 -22.78 -20.85 -6.85
C ASN B 438 -23.30 -22.20 -7.33
N SER B 439 -22.38 -23.15 -7.41
CA SER B 439 -22.69 -24.54 -7.65
C SER B 439 -21.67 -25.37 -6.88
N SER B 440 -21.60 -26.67 -7.19
CA SER B 440 -20.65 -27.53 -6.51
C SER B 440 -19.28 -27.56 -7.19
N ARG B 441 -19.17 -26.94 -8.35
CA ARG B 441 -17.91 -26.85 -9.10
C ARG B 441 -17.32 -25.46 -9.14
N VAL B 442 -18.12 -24.42 -9.29
CA VAL B 442 -17.67 -23.03 -9.37
C VAL B 442 -18.40 -22.20 -8.31
N THR B 443 -17.65 -21.35 -7.60
CA THR B 443 -18.22 -20.46 -6.61
C THR B 443 -17.84 -19.01 -6.87
N VAL B 444 -18.72 -18.10 -6.46
CA VAL B 444 -18.43 -16.68 -6.37
C VAL B 444 -18.44 -16.28 -4.90
N THR B 445 -17.27 -16.01 -4.34
CA THR B 445 -17.16 -15.56 -2.96
C THR B 445 -17.54 -14.07 -2.92
N PRO B 446 -18.25 -13.58 -1.86
CA PRO B 446 -18.75 -12.19 -1.90
C PRO B 446 -17.74 -11.06 -1.69
N ASP B 447 -16.44 -11.33 -1.52
CA ASP B 447 -15.47 -10.23 -1.65
C ASP B 447 -15.06 -9.97 -3.10
N GLY B 448 -15.45 -10.83 -4.04
CA GLY B 448 -15.14 -10.68 -5.44
C GLY B 448 -14.40 -11.84 -6.05
N THR B 449 -14.23 -12.94 -5.33
CA THR B 449 -13.32 -13.98 -5.78
C THR B 449 -14.11 -15.10 -6.46
N LEU B 450 -13.80 -15.34 -7.73
CA LEU B 450 -14.36 -16.47 -8.45
C LEU B 450 -13.44 -17.67 -8.32
N ILE B 451 -13.90 -18.72 -7.68
CA ILE B 451 -13.09 -19.90 -7.41
C ILE B 451 -13.59 -21.02 -8.31
N ILE B 452 -12.73 -21.49 -9.21
CA ILE B 452 -13.09 -22.58 -10.11
C ILE B 452 -12.25 -23.81 -9.76
N ARG B 453 -12.93 -24.92 -9.47
CA ARG B 453 -12.33 -26.24 -9.35
C ARG B 453 -12.72 -27.07 -10.55
N ASN B 454 -11.91 -28.12 -10.78
CA ASN B 454 -12.05 -29.18 -11.80
C ASN B 454 -12.11 -28.62 -13.24
N ILE B 455 -11.05 -27.91 -13.61
CA ILE B 455 -11.12 -27.00 -14.74
C ILE B 455 -10.84 -27.78 -16.02
N SER B 456 -11.76 -27.71 -16.97
CA SER B 456 -11.64 -28.44 -18.23
C SER B 456 -11.69 -27.45 -19.38
N ARG B 457 -11.87 -27.98 -20.59
CA ARG B 457 -11.85 -27.14 -21.79
C ARG B 457 -13.14 -26.38 -22.05
N SER B 458 -14.22 -26.67 -21.31
CA SER B 458 -15.43 -25.85 -21.36
C SER B 458 -15.33 -24.58 -20.52
N ASP B 459 -14.32 -24.46 -19.66
CA ASP B 459 -14.09 -23.27 -18.86
C ASP B 459 -13.17 -22.26 -19.54
N GLU B 460 -12.73 -22.54 -20.75
CA GLU B 460 -11.86 -21.61 -21.47
C GLU B 460 -12.69 -20.49 -22.08
N GLY B 461 -12.36 -19.25 -21.74
CA GLY B 461 -13.11 -18.14 -22.32
C GLY B 461 -13.04 -16.86 -21.51
N LYS B 462 -14.13 -16.10 -21.60
CA LYS B 462 -14.16 -14.66 -21.35
C LYS B 462 -14.94 -14.38 -20.07
N TYR B 463 -14.22 -14.06 -18.99
CA TYR B 463 -14.84 -13.89 -17.69
C TYR B 463 -14.91 -12.42 -17.30
N THR B 464 -16.13 -11.90 -17.17
CA THR B 464 -16.36 -10.48 -16.96
C THR B 464 -16.98 -10.27 -15.59
N CYS B 465 -16.29 -9.49 -14.75
CA CYS B 465 -16.82 -9.09 -13.45
C CYS B 465 -17.55 -7.77 -13.59
N PHE B 466 -18.74 -7.69 -13.01
CA PHE B 466 -19.48 -6.45 -12.93
C PHE B 466 -19.50 -5.97 -11.48
N ALA B 467 -18.94 -4.78 -11.25
CA ALA B 467 -18.95 -4.16 -9.94
C ALA B 467 -20.00 -3.07 -9.93
N GLU B 468 -20.91 -3.15 -8.97
CA GLU B 468 -22.05 -2.25 -8.96
C GLU B 468 -22.27 -1.68 -7.57
N ASN B 469 -22.35 -0.34 -7.50
CA ASN B 469 -22.92 0.30 -6.33
C ASN B 469 -23.80 1.45 -6.81
N PHE B 470 -24.34 2.21 -5.84
CA PHE B 470 -25.40 3.20 -6.09
C PHE B 470 -24.90 4.47 -6.77
N MET B 471 -23.59 4.73 -6.74
CA MET B 471 -23.02 5.73 -7.63
C MET B 471 -22.89 5.21 -9.06
N GLY B 472 -22.45 3.97 -9.27
CA GLY B 472 -22.16 3.56 -10.64
C GLY B 472 -21.72 2.12 -10.78
N LYS B 473 -21.46 1.77 -12.04
CA LYS B 473 -21.17 0.41 -12.47
C LYS B 473 -19.88 0.39 -13.27
N ALA B 474 -19.18 -0.74 -13.21
CA ALA B 474 -17.99 -0.95 -14.03
C ALA B 474 -17.83 -2.44 -14.31
N ASN B 475 -17.00 -2.76 -15.31
CA ASN B 475 -16.76 -4.14 -15.70
C ASN B 475 -15.27 -4.36 -15.92
N SER B 476 -14.84 -5.60 -15.75
CA SER B 476 -13.47 -5.99 -16.10
C SER B 476 -13.50 -7.40 -16.67
N THR B 477 -12.50 -7.72 -17.48
CA THR B 477 -12.55 -8.90 -18.33
C THR B 477 -11.25 -9.67 -18.28
N GLY B 478 -11.32 -10.95 -17.91
CA GLY B 478 -10.18 -11.83 -17.95
C GLY B 478 -10.35 -12.95 -18.95
N ILE B 479 -9.40 -13.09 -19.88
CA ILE B 479 -9.44 -14.16 -20.86
C ILE B 479 -8.65 -15.33 -20.32
N LEU B 480 -9.30 -16.48 -20.18
CA LEU B 480 -8.76 -17.61 -19.46
C LEU B 480 -8.55 -18.76 -20.42
N SER B 481 -7.34 -19.31 -20.43
CA SER B 481 -7.00 -20.48 -21.23
C SER B 481 -6.60 -21.60 -20.30
N VAL B 482 -6.99 -22.82 -20.65
CA VAL B 482 -6.83 -23.99 -19.80
C VAL B 482 -5.76 -24.88 -20.42
N ARG B 483 -4.65 -25.04 -19.71
CA ARG B 483 -3.55 -25.84 -20.15
C ARG B 483 -3.31 -26.98 -19.18
N ASP B 484 -2.55 -27.99 -19.61
CA ASP B 484 -2.32 -29.16 -18.80
C ASP B 484 -1.23 -28.83 -17.78
N ALA B 485 -1.36 -29.39 -16.58
CA ALA B 485 -0.52 -28.99 -15.47
C ALA B 485 0.83 -29.70 -15.50
N THR B 486 1.80 -29.11 -14.80
CA THR B 486 3.09 -29.76 -14.61
C THR B 486 2.96 -30.87 -13.57
N LYS B 487 3.28 -32.09 -13.98
CA LYS B 487 3.16 -33.26 -13.12
C LYS B 487 4.49 -33.98 -13.10
N ILE B 488 4.98 -34.30 -11.90
CA ILE B 488 6.19 -35.11 -11.78
C ILE B 488 5.81 -36.56 -12.04
N THR B 489 6.37 -37.13 -13.11
CA THR B 489 6.07 -38.49 -13.47
C THR B 489 6.91 -39.51 -12.71
N LEU B 490 8.06 -39.09 -12.18
CA LEU B 490 8.90 -39.99 -11.40
C LEU B 490 9.60 -39.13 -10.35
N ALA B 491 9.27 -39.37 -9.09
CA ALA B 491 9.83 -38.62 -7.97
C ALA B 491 11.27 -39.05 -7.70
N PRO B 492 12.09 -38.18 -7.10
CA PRO B 492 13.39 -38.63 -6.56
C PRO B 492 13.22 -39.51 -5.34
N SER B 493 14.20 -40.39 -5.15
CA SER B 493 14.18 -41.39 -4.10
C SER B 493 15.20 -41.04 -3.03
N SER B 494 14.84 -41.24 -1.76
CA SER B 494 15.77 -41.03 -0.67
C SER B 494 16.78 -42.17 -0.59
N ALA B 495 18.02 -41.82 -0.27
CA ALA B 495 19.09 -42.80 -0.25
C ALA B 495 20.09 -42.45 0.84
N ASP B 496 20.85 -43.46 1.26
CA ASP B 496 21.93 -43.31 2.22
C ASP B 496 23.24 -43.64 1.53
N ILE B 497 24.21 -42.74 1.63
CA ILE B 497 25.51 -42.91 1.00
C ILE B 497 26.61 -42.68 2.04
N ASN B 498 27.84 -42.98 1.64
CA ASN B 498 29.00 -42.75 2.47
C ASN B 498 29.66 -41.44 2.09
N LEU B 499 30.82 -41.18 2.69
CA LEU B 499 31.58 -39.98 2.36
C LEU B 499 32.40 -40.22 1.10
N GLY B 500 32.11 -39.44 0.05
CA GLY B 500 32.86 -39.50 -1.18
C GLY B 500 32.22 -40.27 -2.31
N ASP B 501 30.99 -40.76 -2.12
CA ASP B 501 30.35 -41.53 -3.17
C ASP B 501 29.63 -40.63 -4.16
N ASN B 502 29.34 -41.18 -5.34
CA ASN B 502 28.47 -40.53 -6.31
C ASN B 502 27.03 -40.94 -6.07
N LEU B 503 26.11 -39.99 -6.26
CA LEU B 503 24.69 -40.29 -6.13
C LEU B 503 23.90 -39.47 -7.14
N THR B 504 23.04 -40.14 -7.91
CA THR B 504 22.27 -39.49 -8.96
C THR B 504 20.79 -39.56 -8.61
N LEU B 505 20.15 -38.40 -8.56
CA LEU B 505 18.74 -38.27 -8.21
C LEU B 505 17.97 -37.91 -9.47
N GLN B 506 16.91 -38.65 -9.75
CA GLN B 506 16.13 -38.45 -10.95
C GLN B 506 14.97 -37.49 -10.70
N CYS B 507 14.63 -36.70 -11.71
CA CYS B 507 13.43 -35.86 -11.65
C CYS B 507 12.86 -35.76 -13.06
N HIS B 508 11.84 -36.55 -13.35
CA HIS B 508 11.17 -36.55 -14.64
C HIS B 508 9.83 -35.86 -14.51
N ALA B 509 9.55 -34.93 -15.42
CA ALA B 509 8.31 -34.16 -15.36
C ALA B 509 7.61 -34.22 -16.71
N SER B 510 6.34 -33.84 -16.70
CA SER B 510 5.54 -33.77 -17.91
C SER B 510 4.69 -32.51 -17.84
N HIS B 511 4.52 -31.88 -19.00
CA HIS B 511 3.90 -30.57 -19.06
C HIS B 511 3.26 -30.43 -20.43
N ASP B 512 2.55 -29.33 -20.62
CA ASP B 512 1.89 -29.05 -21.88
C ASP B 512 3.01 -28.53 -22.79
N PRO B 513 3.21 -29.09 -23.99
CA PRO B 513 4.38 -28.71 -24.80
C PRO B 513 4.24 -27.40 -25.57
N THR B 514 3.10 -26.72 -25.49
CA THR B 514 2.92 -25.35 -25.90
C THR B 514 3.79 -24.40 -25.06
N MET B 515 3.96 -24.66 -23.78
CA MET B 515 4.80 -23.86 -22.89
C MET B 515 6.24 -24.37 -22.87
N ASP B 516 7.04 -23.87 -21.93
CA ASP B 516 8.41 -24.34 -21.73
C ASP B 516 8.62 -24.79 -20.28
N LEU B 517 9.47 -25.79 -20.08
CA LEU B 517 9.69 -26.33 -18.75
C LEU B 517 11.12 -26.07 -18.29
N THR B 518 11.28 -25.70 -17.02
CA THR B 518 12.58 -25.59 -16.42
C THR B 518 12.60 -26.31 -15.08
N PHE B 519 13.79 -26.66 -14.63
CA PHE B 519 13.99 -27.45 -13.41
C PHE B 519 14.84 -26.65 -12.44
N THR B 520 14.31 -26.38 -11.26
CA THR B 520 15.13 -25.83 -10.19
C THR B 520 15.35 -26.90 -9.14
N TRP B 521 16.60 -27.01 -8.68
CA TRP B 521 16.97 -27.97 -7.65
C TRP B 521 17.37 -27.21 -6.41
N THR B 522 16.73 -27.52 -5.28
CA THR B 522 16.99 -26.81 -4.05
C THR B 522 17.44 -27.77 -2.97
N LEU B 523 18.32 -27.30 -2.09
CA LEU B 523 18.80 -28.06 -0.95
C LEU B 523 18.37 -27.35 0.32
N ASP B 524 17.43 -28.01 1.05
CA ASP B 524 16.68 -27.51 2.22
C ASP B 524 15.98 -26.17 1.95
N ASP B 525 15.32 -26.11 0.77
CA ASP B 525 14.70 -24.94 0.12
C ASP B 525 15.67 -23.76 -0.04
N PHE B 526 16.91 -24.04 -0.40
CA PHE B 526 17.94 -23.08 -0.77
C PHE B 526 18.66 -23.60 -2.03
N PRO B 527 18.94 -22.73 -3.02
CA PRO B 527 19.24 -23.24 -4.37
C PRO B 527 20.68 -23.72 -4.56
N ILE B 528 20.89 -24.43 -5.67
CA ILE B 528 22.13 -25.13 -5.97
C ILE B 528 22.84 -24.43 -7.11
N ASP B 529 24.07 -23.99 -6.85
CA ASP B 529 24.91 -23.33 -7.86
C ASP B 529 25.47 -24.39 -8.80
N PHE B 530 25.40 -24.12 -10.10
CA PHE B 530 25.96 -24.99 -11.12
C PHE B 530 27.05 -24.32 -11.95
N ASP B 531 27.48 -23.12 -11.59
CA ASP B 531 28.38 -22.35 -12.44
C ASP B 531 29.85 -22.60 -12.12
N LYS B 532 30.15 -23.45 -11.17
CA LYS B 532 31.55 -23.74 -10.82
C LYS B 532 32.14 -24.73 -11.82
N PRO B 533 33.29 -24.43 -12.44
CA PRO B 533 33.97 -25.45 -13.26
C PRO B 533 34.66 -26.49 -12.38
N GLY B 534 34.34 -27.75 -12.64
CA GLY B 534 34.76 -28.80 -11.73
C GLY B 534 33.99 -28.84 -10.45
N GLY B 535 32.72 -28.44 -10.46
CA GLY B 535 31.93 -28.39 -9.24
C GLY B 535 31.41 -29.76 -8.86
N HIS B 536 30.95 -29.84 -7.60
CA HIS B 536 30.52 -31.12 -7.05
C HIS B 536 29.05 -31.42 -7.27
N TYR B 537 28.28 -30.48 -7.82
CA TYR B 537 26.90 -30.71 -8.22
C TYR B 537 26.80 -30.59 -9.73
N ARG B 538 26.25 -31.62 -10.38
CA ARG B 538 26.22 -31.63 -11.84
C ARG B 538 24.83 -31.97 -12.35
N ARG B 539 24.43 -31.31 -13.43
CA ARG B 539 23.22 -31.70 -14.15
C ARG B 539 23.48 -32.97 -14.95
N THR B 540 22.48 -33.85 -14.99
CA THR B 540 22.62 -35.17 -15.57
C THR B 540 21.39 -35.44 -16.44
N ASN B 541 21.68 -35.84 -17.69
CA ASN B 541 20.76 -36.08 -18.83
C ASN B 541 19.90 -34.86 -19.13
N VAL B 542 20.55 -33.80 -19.61
CA VAL B 542 19.92 -32.50 -19.80
C VAL B 542 19.07 -32.52 -21.06
N LYS B 543 17.76 -32.63 -20.87
CA LYS B 543 16.78 -32.72 -21.94
C LYS B 543 15.65 -31.76 -21.63
N GLU B 544 14.55 -31.91 -22.36
CA GLU B 544 13.38 -31.05 -22.16
C GLU B 544 12.61 -31.44 -20.91
N THR B 545 12.53 -32.74 -20.62
CA THR B 545 11.70 -33.25 -19.54
C THR B 545 12.49 -33.99 -18.47
N ILE B 546 13.81 -34.14 -18.63
CA ILE B 546 14.64 -34.92 -17.71
C ILE B 546 15.65 -33.97 -17.06
N GLY B 547 15.65 -33.91 -15.73
CA GLY B 547 16.37 -32.88 -15.01
C GLY B 547 17.27 -33.34 -13.87
N ASP B 548 18.07 -34.40 -14.08
CA ASP B 548 18.65 -35.18 -12.99
C ASP B 548 19.85 -34.46 -12.35
N LEU B 549 20.16 -34.83 -11.11
CA LEU B 549 21.22 -34.19 -10.34
C LEU B 549 22.19 -35.23 -9.80
N THR B 550 23.48 -35.04 -10.07
CA THR B 550 24.52 -35.91 -9.55
C THR B 550 25.35 -35.17 -8.52
N ILE B 551 25.42 -35.73 -7.30
CA ILE B 551 26.35 -35.32 -6.27
C ILE B 551 27.61 -36.18 -6.42
N LEU B 552 28.72 -35.50 -6.72
CA LEU B 552 30.02 -36.14 -6.89
C LEU B 552 30.90 -35.75 -5.72
N ASN B 553 31.56 -36.77 -5.12
CA ASN B 553 32.50 -36.70 -3.96
C ASN B 553 31.84 -36.07 -2.73
N ALA B 554 30.87 -36.80 -2.16
CA ALA B 554 29.98 -36.26 -1.15
C ALA B 554 30.66 -36.11 0.21
N GLN B 555 30.45 -34.95 0.83
CA GLN B 555 31.03 -34.61 2.11
C GLN B 555 29.90 -34.36 3.09
N LEU B 556 30.25 -33.82 4.27
CA LEU B 556 29.30 -33.73 5.38
C LEU B 556 28.32 -32.56 5.23
N ARG B 557 28.61 -31.60 4.35
CA ARG B 557 27.69 -30.50 4.13
C ARG B 557 26.69 -30.77 3.01
N HIS B 558 26.74 -31.95 2.38
CA HIS B 558 25.85 -32.28 1.28
C HIS B 558 24.64 -33.08 1.71
N GLY B 559 24.47 -33.34 3.01
CA GLY B 559 23.30 -34.05 3.48
C GLY B 559 22.14 -33.08 3.74
N GLY B 560 20.94 -33.54 3.46
CA GLY B 560 19.75 -32.75 3.68
C GLY B 560 18.62 -33.21 2.77
N LYS B 561 17.60 -32.36 2.70
CA LYS B 561 16.42 -32.63 1.90
C LYS B 561 16.55 -31.87 0.58
N TYR B 562 16.71 -32.61 -0.51
CA TYR B 562 16.72 -32.01 -1.84
C TYR B 562 15.32 -32.01 -2.42
N THR B 563 14.89 -30.85 -2.90
CA THR B 563 13.58 -30.68 -3.54
C THR B 563 13.78 -30.35 -5.01
N CYS B 564 13.26 -31.20 -5.88
CA CYS B 564 13.16 -30.88 -7.29
C CYS B 564 11.86 -30.17 -7.57
N MET B 565 11.96 -28.92 -8.00
CA MET B 565 10.79 -28.12 -8.34
C MET B 565 10.85 -27.89 -9.85
N ALA B 566 10.07 -28.66 -10.59
CA ALA B 566 9.94 -28.47 -12.01
C ALA B 566 8.81 -27.50 -12.27
N GLN B 567 9.13 -26.37 -12.88
CA GLN B 567 8.14 -25.34 -13.07
C GLN B 567 8.11 -24.88 -14.52
N THR B 568 6.95 -24.42 -14.92
CA THR B 568 6.82 -23.48 -16.02
C THR B 568 6.70 -22.09 -15.43
N VAL B 569 6.32 -21.12 -16.25
CA VAL B 569 6.23 -19.74 -15.77
C VAL B 569 4.88 -19.47 -15.13
N VAL B 570 3.89 -20.36 -15.32
CA VAL B 570 2.58 -20.12 -14.73
C VAL B 570 2.25 -21.09 -13.60
N ASP B 571 2.98 -22.21 -13.50
CA ASP B 571 2.70 -23.20 -12.46
C ASP B 571 3.98 -23.95 -12.11
N SER B 572 3.87 -24.88 -11.16
CA SER B 572 5.02 -25.58 -10.62
C SER B 572 4.60 -26.94 -10.06
N ALA B 573 5.57 -27.81 -9.87
CA ALA B 573 5.41 -29.06 -9.14
C ALA B 573 6.71 -29.36 -8.39
N SER B 574 6.58 -29.98 -7.22
CA SER B 574 7.74 -30.19 -6.36
C SER B 574 7.70 -31.59 -5.74
N LYS B 575 8.87 -32.22 -5.71
CA LYS B 575 9.03 -33.51 -5.03
C LYS B 575 10.30 -33.47 -4.21
N GLU B 576 10.35 -34.30 -3.16
CA GLU B 576 11.42 -34.25 -2.18
C GLU B 576 12.14 -35.59 -2.08
N ALA B 577 13.40 -35.53 -1.64
CA ALA B 577 14.18 -36.70 -1.29
C ALA B 577 15.15 -36.33 -0.18
N THR B 578 15.63 -37.34 0.54
CA THR B 578 16.53 -37.13 1.68
C THR B 578 17.85 -37.86 1.42
N VAL B 579 18.95 -37.11 1.42
CA VAL B 579 20.29 -37.65 1.21
C VAL B 579 21.10 -37.45 2.48
N LEU B 580 21.54 -38.56 3.09
CA LEU B 580 22.40 -38.50 4.25
C LEU B 580 23.73 -39.16 3.91
N VAL B 581 24.81 -38.59 4.46
CA VAL B 581 26.17 -38.92 4.05
C VAL B 581 26.94 -39.69 5.11
N ARG B 582 26.48 -39.67 6.36
CA ARG B 582 27.19 -40.37 7.43
C ARG B 582 26.17 -41.08 8.31
N GLY B 583 26.47 -42.33 8.65
CA GLY B 583 25.60 -43.12 9.50
C GLY B 583 25.78 -42.82 10.97
C1 NAG C . 5.25 -6.93 -51.12
C2 NAG C . 5.52 -6.74 -52.64
C3 NAG C . 4.87 -7.88 -53.45
C4 NAG C . 5.32 -9.27 -52.99
C5 NAG C . 5.00 -9.46 -51.49
C6 NAG C . 5.55 -10.74 -50.92
C7 NAG C . 5.82 -4.38 -53.29
C8 NAG C . 5.13 -3.14 -53.77
N2 NAG C . 5.03 -5.44 -53.10
O3 NAG C . 5.20 -7.72 -54.83
O4 NAG C . 4.66 -10.29 -53.74
O5 NAG C . 5.57 -8.37 -50.71
O6 NAG C . 6.26 -10.51 -49.71
O7 NAG C . 7.02 -4.42 -53.05
C1 NAG D . -15.32 -55.72 -61.90
C2 NAG D . -16.64 -55.62 -61.07
C3 NAG D . -16.79 -56.86 -60.15
C4 NAG D . -16.71 -58.18 -60.91
C5 NAG D . -15.40 -58.29 -61.71
C6 NAG D . -15.35 -59.51 -62.61
C7 NAG D . -17.67 -53.48 -60.48
C8 NAG D . -17.59 -52.26 -59.62
N2 NAG D . -16.70 -54.38 -60.32
O3 NAG D . -18.01 -56.77 -59.43
O4 NAG D . -16.79 -59.27 -59.99
O5 NAG D . -15.24 -57.13 -62.57
O6 NAG D . -16.34 -59.45 -63.62
O7 NAG D . -18.57 -53.63 -61.30
C1 NAG E . 25.29 11.29 7.47
C2 NAG E . 25.80 11.19 6.01
C3 NAG E . 25.41 9.82 5.38
C4 NAG E . 25.80 8.61 6.23
C5 NAG E . 25.18 8.73 7.62
C6 NAG E . 25.64 7.64 8.57
C7 NAG E . 26.02 13.06 4.43
C8 NAG E . 25.28 14.12 3.67
N2 NAG E . 25.26 12.27 5.21
O3 NAG E . 26.02 9.71 4.09
O4 NAG E . 25.33 7.41 5.62
O5 NAG E . 25.56 9.99 8.21
O6 NAG E . 27.03 7.38 8.38
O7 NAG E . 27.23 12.92 4.34
C1 NAG F . 7.34 25.80 3.40
C2 NAG F . 8.07 27.10 2.99
C3 NAG F . 7.04 28.26 2.82
C4 NAG F . 5.90 27.92 1.85
C5 NAG F . 5.18 26.63 2.28
C6 NAG F . 4.17 26.14 1.29
C7 NAG F . 10.39 27.56 3.66
C8 NAG F . 11.30 27.93 4.78
N2 NAG F . 9.09 27.46 3.96
O3 NAG F . 7.72 29.43 2.38
O4 NAG F . 4.96 28.99 1.80
O5 NAG F . 6.14 25.56 2.47
O6 NAG F . 4.55 26.45 -0.05
O7 NAG F . 10.81 27.33 2.53
C1 NAG G . -3.43 -17.87 50.36
C2 NAG G . -4.14 -19.25 50.51
C3 NAG G . -5.14 -19.24 51.69
C4 NAG G . -4.49 -18.81 53.01
C5 NAG G . -3.87 -17.42 52.86
C6 NAG G . -3.09 -16.98 54.09
C7 NAG G . -4.84 -20.84 48.76
C8 NAG G . -5.60 -21.00 47.48
N2 NAG G . -4.82 -19.60 49.27
O3 NAG G . -5.73 -20.53 51.84
O4 NAG G . -5.48 -18.78 54.04
O5 NAG G . -2.95 -17.40 51.76
O6 NAG G . -1.71 -17.23 53.92
O7 NAG G . -4.27 -21.78 49.31
C1 NAG H . -19.51 36.92 30.84
C2 NAG H . -20.40 38.01 31.52
C3 NAG H . -19.60 38.76 32.60
C4 NAG H . -18.99 37.83 33.66
C5 NAG H . -18.07 36.81 32.98
C6 NAG H . -17.54 35.75 33.93
C7 NAG H . -22.16 38.82 30.01
C8 NAG H . -22.56 39.86 29.01
N2 NAG H . -20.94 38.93 30.53
O3 NAG H . -20.45 39.72 33.23
O4 NAG H . -18.25 38.58 34.61
O5 NAG H . -18.78 36.10 31.93
O6 NAG H . -17.70 34.44 33.40
O7 NAG H . -22.93 37.90 30.34
C1 NAG I . 18.93 48.35 66.97
C2 NAG I . 20.15 48.48 66.01
C3 NAG I . 21.32 47.58 66.49
C4 NAG I . 21.74 47.88 67.94
C5 NAG I . 20.53 47.74 68.89
C6 NAG I . 20.84 48.17 70.31
C7 NAG I . 19.96 49.01 63.62
C8 NAG I . 19.54 48.52 62.27
N2 NAG I . 19.79 48.15 64.64
O3 NAG I . 22.44 47.74 65.63
O4 NAG I . 22.77 46.99 68.35
O5 NAG I . 19.42 48.55 68.45
O6 NAG I . 21.07 49.57 70.39
O7 NAG I . 20.43 50.13 63.80
C1 NAG J . -21.97 -18.32 -2.71
C2 NAG J . -22.80 -17.48 -1.70
C3 NAG J . -21.90 -16.93 -0.55
C4 NAG J . -21.01 -17.99 0.12
C5 NAG J . -20.15 -18.70 -0.93
C6 NAG J . -19.34 -19.84 -0.36
C7 NAG J . -24.74 -16.09 -2.24
C8 NAG J . -25.25 -14.92 -3.03
N2 NAG J . -23.45 -16.38 -2.39
O3 NAG J . -22.72 -16.32 0.44
O4 NAG J . -20.14 -17.37 1.07
O5 NAG J . -21.01 -19.25 -1.95
O6 NAG J . -20.14 -20.69 0.45
O7 NAG J . -25.48 -16.73 -1.50
C1 NAG K . -18.96 -2.23 -19.63
C2 NAG K . -20.42 -2.12 -20.15
C3 NAG K . -20.48 -1.11 -21.33
C4 NAG K . -19.90 0.27 -20.99
C5 NAG K . -18.45 0.13 -20.47
C6 NAG K . -17.88 1.43 -19.96
C7 NAG K . -21.87 -4.08 -19.90
C8 NAG K . -22.28 -5.40 -20.46
N2 NAG K . -20.93 -3.42 -20.57
O3 NAG K . -21.83 -0.98 -21.77
O4 NAG K . -19.91 1.11 -22.14
O5 NAG K . -18.40 -0.81 -19.38
O6 NAG K . -18.88 2.28 -19.42
O7 NAG K . -22.37 -3.62 -18.87
C1 NAG L . 32.06 -41.60 -9.81
C2 NAG L . 33.43 -41.66 -9.06
C3 NAG L . 34.57 -42.08 -10.03
C4 NAG L . 34.27 -43.40 -10.77
C5 NAG L . 32.96 -43.29 -11.55
C6 NAG L . 32.53 -44.60 -12.17
C7 NAG L . 34.28 -40.25 -7.23
C8 NAG L . 34.52 -38.85 -6.76
N2 NAG L . 33.74 -40.38 -8.45
O3 NAG L . 35.80 -42.18 -9.34
O4 NAG L . 35.33 -43.70 -11.67
O5 NAG L . 31.89 -42.87 -10.67
O6 NAG L . 31.73 -45.37 -11.27
O7 NAG L . 34.56 -41.23 -6.54
#